data_129D
# 
_entry.id   129D 
# 
_audit_conform.dict_name       mmcif_pdbx.dic 
_audit_conform.dict_version    5.385 
_audit_conform.dict_location   http://mmcif.pdb.org/dictionaries/ascii/mmcif_pdbx.dic 
# 
loop_
_database_2.database_id 
_database_2.database_code 
_database_2.pdbx_database_accession 
_database_2.pdbx_DOI 
PDB   129D         pdb_0000129d 10.2210/pdb129d/pdb 
RCSB  GDL021       ?            ?                   
WWPDB D_1000170067 ?            ?                   
# 
loop_
_pdbx_audit_revision_history.ordinal 
_pdbx_audit_revision_history.data_content_type 
_pdbx_audit_revision_history.major_revision 
_pdbx_audit_revision_history.minor_revision 
_pdbx_audit_revision_history.revision_date 
1 'Structure model' 1 0 1994-01-15 
2 'Structure model' 1 1 2008-05-23 
3 'Structure model' 1 2 2011-07-13 
4 'Structure model' 1 3 2024-02-07 
# 
_pdbx_audit_revision_details.ordinal             1 
_pdbx_audit_revision_details.revision_ordinal    1 
_pdbx_audit_revision_details.data_content_type   'Structure model' 
_pdbx_audit_revision_details.provider            repository 
_pdbx_audit_revision_details.type                'Initial release' 
_pdbx_audit_revision_details.description         ? 
_pdbx_audit_revision_details.details             ? 
# 
loop_
_pdbx_audit_revision_group.ordinal 
_pdbx_audit_revision_group.revision_ordinal 
_pdbx_audit_revision_group.data_content_type 
_pdbx_audit_revision_group.group 
1 2 'Structure model' 'Version format compliance' 
2 3 'Structure model' 'Version format compliance' 
3 4 'Structure model' 'Data collection'           
4 4 'Structure model' 'Database references'       
5 4 'Structure model' 'Derived calculations'      
# 
loop_
_pdbx_audit_revision_category.ordinal 
_pdbx_audit_revision_category.revision_ordinal 
_pdbx_audit_revision_category.data_content_type 
_pdbx_audit_revision_category.category 
1 4 'Structure model' chem_comp_atom 
2 4 'Structure model' chem_comp_bond 
3 4 'Structure model' database_2     
4 4 'Structure model' struct_site    
# 
loop_
_pdbx_audit_revision_item.ordinal 
_pdbx_audit_revision_item.revision_ordinal 
_pdbx_audit_revision_item.data_content_type 
_pdbx_audit_revision_item.item 
1 4 'Structure model' '_database_2.pdbx_DOI'                
2 4 'Structure model' '_database_2.pdbx_database_accession' 
3 4 'Structure model' '_struct_site.pdbx_auth_asym_id'      
4 4 'Structure model' '_struct_site.pdbx_auth_comp_id'      
5 4 'Structure model' '_struct_site.pdbx_auth_seq_id'       
# 
_pdbx_database_status.status_code                     REL 
_pdbx_database_status.entry_id                        129D 
_pdbx_database_status.recvd_initial_deposition_date   1993-06-30 
_pdbx_database_status.deposit_site                    BNL 
_pdbx_database_status.process_site                    NDB 
_pdbx_database_status.SG_entry                        . 
_pdbx_database_status.pdb_format_compatible           Y 
_pdbx_database_status.status_code_mr                  ? 
_pdbx_database_status.status_code_sf                  ? 
_pdbx_database_status.status_code_cs                  ? 
_pdbx_database_status.status_code_nmr_data            ? 
_pdbx_database_status.methods_development_category    ? 
# 
loop_
_audit_author.name 
_audit_author.pdbx_ordinal 
'Sriram, M.'          1 
'Van Der Marel, G.A.' 2 
'Roelen, H.L.P.F.'    3 
'Van Boom, J.H.'      4 
'Wang, A.H.-J.'       5 
# 
_citation.id                        primary 
_citation.title                     
;Conformation of B-DNA containing O6-ethyl-G-C base pairs stabilized by minor groove binding drugs: molecular structure of d(CGC[e6G]AATTCGCG complexed with Hoechst 33258 or Hoechst 33342.
;
_citation.journal_abbrev            'EMBO J.' 
_citation.journal_volume            11 
_citation.page_first                225 
_citation.page_last                 232 
_citation.year                      1992 
_citation.journal_id_ASTM           EMJODG 
_citation.country                   UK 
_citation.journal_id_ISSN           0261-4189 
_citation.journal_id_CSD            0897 
_citation.book_publisher            ? 
_citation.pdbx_database_id_PubMed   1371249 
_citation.pdbx_database_id_DOI      ? 
# 
loop_
_citation_author.citation_id 
_citation_author.name 
_citation_author.ordinal 
_citation_author.identifier_ORCID 
primary 'Sriram, M.'          1 ? 
primary 'van der Marel, G.A.' 2 ? 
primary 'Roelen, H.L.'        3 ? 
primary 'van Boom, J.H.'      4 ? 
primary 'Wang, A.H.'          5 ? 
# 
loop_
_entity.id 
_entity.type 
_entity.src_method 
_entity.pdbx_description 
_entity.formula_weight 
_entity.pdbx_number_of_molecules 
_entity.pdbx_ec 
_entity.pdbx_mutation 
_entity.pdbx_fragment 
_entity.details 
1 polymer     syn 
;DNA (5'-D(*CP*GP*CP*GP*AP*AP*TP*TP*CP*GP*CP*G)-3')
;
3663.392 2  ? ? ? ? 
2 non-polymer syn "2'-(4-ETHOXYPHENYL)-5-(4-METHYL-1-PIPERAZINYL)-2,5'-BI-BENZIMIDAZOLE" 452.551  1  ? ? ? ? 
3 water       nat water                                                                  18.015   64 ? ? ? ? 
# 
_entity_poly.entity_id                      1 
_entity_poly.type                           polydeoxyribonucleotide 
_entity_poly.nstd_linkage                   no 
_entity_poly.nstd_monomer                   no 
_entity_poly.pdbx_seq_one_letter_code       '(DC)(DG)(DC)(DG)(DA)(DA)(DT)(DT)(DC)(DG)(DC)(DG)' 
_entity_poly.pdbx_seq_one_letter_code_can   CGCGAATTCGCG 
_entity_poly.pdbx_strand_id                 A,B 
_entity_poly.pdbx_target_identifier         ? 
# 
loop_
_pdbx_entity_nonpoly.entity_id 
_pdbx_entity_nonpoly.name 
_pdbx_entity_nonpoly.comp_id 
2 "2'-(4-ETHOXYPHENYL)-5-(4-METHYL-1-PIPERAZINYL)-2,5'-BI-BENZIMIDAZOLE" HT1 
3 water                                                                  HOH 
# 
loop_
_entity_poly_seq.entity_id 
_entity_poly_seq.num 
_entity_poly_seq.mon_id 
_entity_poly_seq.hetero 
1 1  DC n 
1 2  DG n 
1 3  DC n 
1 4  DG n 
1 5  DA n 
1 6  DA n 
1 7  DT n 
1 8  DT n 
1 9  DC n 
1 10 DG n 
1 11 DC n 
1 12 DG n 
# 
loop_
_chem_comp.id 
_chem_comp.type 
_chem_comp.mon_nstd_flag 
_chem_comp.name 
_chem_comp.pdbx_synonyms 
_chem_comp.formula 
_chem_comp.formula_weight 
DA  'DNA linking' y "2'-DEOXYADENOSINE-5'-MONOPHOSPHATE"                                   ?               'C10 H14 N5 O6 P' 
331.222 
DC  'DNA linking' y "2'-DEOXYCYTIDINE-5'-MONOPHOSPHATE"                                    ?               'C9 H14 N3 O7 P'  
307.197 
DG  'DNA linking' y "2'-DEOXYGUANOSINE-5'-MONOPHOSPHATE"                                   ?               'C10 H14 N5 O7 P' 
347.221 
DT  'DNA linking' y "THYMIDINE-5'-MONOPHOSPHATE"                                           ?               'C10 H15 N2 O8 P' 
322.208 
HOH non-polymer   . WATER                                                                  ?               'H2 O'            
18.015  
HT1 non-polymer   . "2'-(4-ETHOXYPHENYL)-5-(4-METHYL-1-PIPERAZINYL)-2,5'-BI-BENZIMIDAZOLE" 'HOECHST 33342' 'C27 H28 N6 O'    
452.551 
# 
loop_
_pdbx_poly_seq_scheme.asym_id 
_pdbx_poly_seq_scheme.entity_id 
_pdbx_poly_seq_scheme.seq_id 
_pdbx_poly_seq_scheme.mon_id 
_pdbx_poly_seq_scheme.ndb_seq_num 
_pdbx_poly_seq_scheme.pdb_seq_num 
_pdbx_poly_seq_scheme.auth_seq_num 
_pdbx_poly_seq_scheme.pdb_mon_id 
_pdbx_poly_seq_scheme.auth_mon_id 
_pdbx_poly_seq_scheme.pdb_strand_id 
_pdbx_poly_seq_scheme.pdb_ins_code 
_pdbx_poly_seq_scheme.hetero 
A 1 1  DC 1  1  1  DC C A . n 
A 1 2  DG 2  2  2  DG G A . n 
A 1 3  DC 3  3  3  DC C A . n 
A 1 4  DG 4  4  4  DG G A . n 
A 1 5  DA 5  5  5  DA A A . n 
A 1 6  DA 6  6  6  DA A A . n 
A 1 7  DT 7  7  7  DT T A . n 
A 1 8  DT 8  8  8  DT T A . n 
A 1 9  DC 9  9  9  DC C A . n 
A 1 10 DG 10 10 10 DG G A . n 
A 1 11 DC 11 11 11 DC C A . n 
A 1 12 DG 12 12 12 DG G A . n 
B 1 1  DC 1  13 13 DC C B . n 
B 1 2  DG 2  14 14 DG G B . n 
B 1 3  DC 3  15 15 DC C B . n 
B 1 4  DG 4  16 16 DG G B . n 
B 1 5  DA 5  17 17 DA A B . n 
B 1 6  DA 6  18 18 DA A B . n 
B 1 7  DT 7  19 19 DT T B . n 
B 1 8  DT 8  20 20 DT T B . n 
B 1 9  DC 9  21 21 DC C B . n 
B 1 10 DG 10 22 22 DG G B . n 
B 1 11 DC 11 23 23 DC C B . n 
B 1 12 DG 12 24 24 DG G B . n 
# 
loop_
_pdbx_nonpoly_scheme.asym_id 
_pdbx_nonpoly_scheme.entity_id 
_pdbx_nonpoly_scheme.mon_id 
_pdbx_nonpoly_scheme.ndb_seq_num 
_pdbx_nonpoly_scheme.pdb_seq_num 
_pdbx_nonpoly_scheme.auth_seq_num 
_pdbx_nonpoly_scheme.pdb_mon_id 
_pdbx_nonpoly_scheme.auth_mon_id 
_pdbx_nonpoly_scheme.pdb_strand_id 
_pdbx_nonpoly_scheme.pdb_ins_code 
C 2 HT1 1  25 25 HT1 HT1 A . 
D 3 HOH 1  26 26 HOH HOH A . 
D 3 HOH 2  29 29 HOH HOH A . 
D 3 HOH 3  35 35 HOH HOH A . 
D 3 HOH 4  36 36 HOH HOH A . 
D 3 HOH 5  38 38 HOH HOH A . 
D 3 HOH 6  41 41 HOH HOH A . 
D 3 HOH 7  42 42 HOH HOH A . 
D 3 HOH 8  44 44 HOH HOH A . 
D 3 HOH 9  46 46 HOH HOH A . 
D 3 HOH 10 48 48 HOH HOH A . 
D 3 HOH 11 49 49 HOH HOH A . 
D 3 HOH 12 50 50 HOH HOH A . 
D 3 HOH 13 51 51 HOH HOH A . 
D 3 HOH 14 54 54 HOH HOH A . 
D 3 HOH 15 55 55 HOH HOH A . 
D 3 HOH 16 56 56 HOH HOH A . 
D 3 HOH 17 58 58 HOH HOH A . 
D 3 HOH 18 59 59 HOH HOH A . 
D 3 HOH 19 60 60 HOH HOH A . 
D 3 HOH 20 61 61 HOH HOH A . 
D 3 HOH 21 66 66 HOH HOH A . 
D 3 HOH 22 68 68 HOH HOH A . 
D 3 HOH 23 74 74 HOH HOH A . 
D 3 HOH 24 77 77 HOH HOH A . 
D 3 HOH 25 78 78 HOH HOH A . 
D 3 HOH 26 81 81 HOH HOH A . 
D 3 HOH 27 89 89 HOH HOH A . 
E 3 HOH 1  27 27 HOH HOH B . 
E 3 HOH 2  28 28 HOH HOH B . 
E 3 HOH 3  30 30 HOH HOH B . 
E 3 HOH 4  31 31 HOH HOH B . 
E 3 HOH 5  32 32 HOH HOH B . 
E 3 HOH 6  33 33 HOH HOH B . 
E 3 HOH 7  34 34 HOH HOH B . 
E 3 HOH 8  37 37 HOH HOH B . 
E 3 HOH 9  39 39 HOH HOH B . 
E 3 HOH 10 40 40 HOH HOH B . 
E 3 HOH 11 43 43 HOH HOH B . 
E 3 HOH 12 45 45 HOH HOH B . 
E 3 HOH 13 47 47 HOH HOH B . 
E 3 HOH 14 52 52 HOH HOH B . 
E 3 HOH 15 53 53 HOH HOH B . 
E 3 HOH 16 57 57 HOH HOH B . 
E 3 HOH 17 62 62 HOH HOH B . 
E 3 HOH 18 63 63 HOH HOH B . 
E 3 HOH 19 64 64 HOH HOH B . 
E 3 HOH 20 65 65 HOH HOH B . 
E 3 HOH 21 67 67 HOH HOH B . 
E 3 HOH 22 69 69 HOH HOH B . 
E 3 HOH 23 70 70 HOH HOH B . 
E 3 HOH 24 71 71 HOH HOH B . 
E 3 HOH 25 72 72 HOH HOH B . 
E 3 HOH 26 73 73 HOH HOH B . 
E 3 HOH 27 75 75 HOH HOH B . 
E 3 HOH 28 76 76 HOH HOH B . 
E 3 HOH 29 79 79 HOH HOH B . 
E 3 HOH 30 80 80 HOH HOH B . 
E 3 HOH 31 82 82 HOH HOH B . 
E 3 HOH 32 83 83 HOH HOH B . 
E 3 HOH 33 84 84 HOH HOH B . 
E 3 HOH 34 85 85 HOH HOH B . 
E 3 HOH 35 86 86 HOH HOH B . 
E 3 HOH 36 87 87 HOH HOH B . 
E 3 HOH 37 88 88 HOH HOH B . 
# 
_software.name             NUCLSQ 
_software.classification   refinement 
_software.version          . 
_software.citation_id      ? 
_software.pdbx_ordinal     1 
# 
_cell.entry_id           129D 
_cell.length_a           25.686 
_cell.length_b           41.065 
_cell.length_c           66.416 
_cell.angle_alpha        90.00 
_cell.angle_beta         90.00 
_cell.angle_gamma        90.00 
_cell.Z_PDB              8 
_cell.pdbx_unique_axis   ? 
# 
_symmetry.entry_id                         129D 
_symmetry.space_group_name_H-M             'P 21 21 21' 
_symmetry.pdbx_full_space_group_name_H-M   ? 
_symmetry.cell_setting                     ? 
_symmetry.Int_Tables_number                19 
# 
_exptl.entry_id          129D 
_exptl.method            'X-RAY DIFFRACTION' 
_exptl.crystals_number   ? 
# 
_exptl_crystal.id                    1 
_exptl_crystal.density_meas          ? 
_exptl_crystal.density_Matthews      2.39 
_exptl_crystal.density_percent_sol   48.54 
_exptl_crystal.description           ? 
# 
_exptl_crystal_grow.crystal_id      1 
_exptl_crystal_grow.method          'VAPOR DIFFUSION' 
_exptl_crystal_grow.temp            ? 
_exptl_crystal_grow.temp_details    'ROOM TEMPERATURE' 
_exptl_crystal_grow.pH              6.00 
_exptl_crystal_grow.pdbx_details    'pH 6.00, VAPOR DIFFUSION' 
_exptl_crystal_grow.pdbx_pH_range   ? 
# 
loop_
_exptl_crystal_grow_comp.crystal_id 
_exptl_crystal_grow_comp.id 
_exptl_crystal_grow_comp.sol_id 
_exptl_crystal_grow_comp.name 
_exptl_crystal_grow_comp.volume 
_exptl_crystal_grow_comp.conc 
_exptl_crystal_grow_comp.details 
1 1 1 WATER           ? ? ? 
1 2 1 MPD             ? ? ? 
1 3 1 'NA CACODYLATE' ? ? ? 
1 4 1 MGCL2           ? ? ? 
1 5 1 SPERMINE        ? ? ? 
1 6 2 WATER           ? ? ? 
1 7 2 MPD             ? ? ? 
# 
_diffrn.id                     1 
_diffrn.ambient_temp           ? 
_diffrn.ambient_temp_details   'ROOM TEMPERATURE' 
_diffrn.crystal_id             1 
# 
_diffrn_detector.diffrn_id              1 
_diffrn_detector.detector               DIFFRACTOMETER 
_diffrn_detector.type                   'RIGAKU AFC-5R' 
_diffrn_detector.pdbx_collection_date   ? 
_diffrn_detector.details                ? 
# 
_diffrn_radiation.diffrn_id                        1 
_diffrn_radiation.wavelength_id                    1 
_diffrn_radiation.pdbx_monochromatic_or_laue_m_l   ? 
_diffrn_radiation.monochromator                    ? 
_diffrn_radiation.pdbx_diffrn_protocol             ? 
_diffrn_radiation.pdbx_scattering_type             x-ray 
# 
_diffrn_radiation_wavelength.id           1 
_diffrn_radiation_wavelength.wavelength   . 
_diffrn_radiation_wavelength.wt           1.0 
# 
_diffrn_source.diffrn_id                   1 
_diffrn_source.source                      'ROTATING ANODE' 
_diffrn_source.type                        ? 
_diffrn_source.pdbx_synchrotron_site       ? 
_diffrn_source.pdbx_synchrotron_beamline   ? 
_diffrn_source.pdbx_wavelength             ? 
_diffrn_source.pdbx_wavelength_list        ? 
# 
_reflns.entry_id                     129D 
_reflns.observed_criterion_sigma_I   ? 
_reflns.observed_criterion_sigma_F   2.000 
_reflns.d_resolution_low             ? 
_reflns.d_resolution_high            2.250 
_reflns.number_obs                   1735 
_reflns.number_all                   ? 
_reflns.percent_possible_obs         ? 
_reflns.pdbx_Rmerge_I_obs            ? 
_reflns.pdbx_Rsym_value              ? 
_reflns.pdbx_netI_over_sigmaI        ? 
_reflns.B_iso_Wilson_estimate        ? 
_reflns.pdbx_redundancy              ? 
_reflns.pdbx_diffrn_id               1 
_reflns.pdbx_ordinal                 1 
# 
_refine.entry_id                                 129D 
_refine.ls_number_reflns_obs                     1735 
_refine.ls_number_reflns_all                     ? 
_refine.pdbx_ls_sigma_I                          ? 
_refine.pdbx_ls_sigma_F                          2.000 
_refine.pdbx_data_cutoff_high_absF               ? 
_refine.pdbx_data_cutoff_low_absF                ? 
_refine.pdbx_data_cutoff_high_rms_absF           ? 
_refine.ls_d_res_low                             ? 
_refine.ls_d_res_high                            2.250 
_refine.ls_percent_reflns_obs                    ? 
_refine.ls_R_factor_obs                          0.1680000 
_refine.ls_R_factor_all                          ? 
_refine.ls_R_factor_R_work                       ? 
_refine.ls_R_factor_R_free                       ? 
_refine.ls_R_factor_R_free_error                 ? 
_refine.ls_R_factor_R_free_error_details         ? 
_refine.ls_percent_reflns_R_free                 ? 
_refine.ls_number_reflns_R_free                  ? 
_refine.ls_number_parameters                     ? 
_refine.ls_number_restraints                     ? 
_refine.occupancy_min                            ? 
_refine.occupancy_max                            ? 
_refine.B_iso_mean                               ? 
_refine.aniso_B[1][1]                            ? 
_refine.aniso_B[2][2]                            ? 
_refine.aniso_B[3][3]                            ? 
_refine.aniso_B[1][2]                            ? 
_refine.aniso_B[1][3]                            ? 
_refine.aniso_B[2][3]                            ? 
_refine.solvent_model_details                    ? 
_refine.solvent_model_param_ksol                 ? 
_refine.solvent_model_param_bsol                 ? 
_refine.pdbx_ls_cross_valid_method               ? 
_refine.details                                  ? 
_refine.pdbx_starting_model                      ? 
_refine.pdbx_method_to_determine_struct          ? 
_refine.pdbx_isotropic_thermal_model             ? 
_refine.pdbx_stereochemistry_target_values       ? 
_refine.pdbx_stereochem_target_val_spec_case     ? 
_refine.pdbx_R_Free_selection_details            ? 
_refine.pdbx_overall_ESU_R                       ? 
_refine.pdbx_overall_ESU_R_Free                  ? 
_refine.overall_SU_ML                            ? 
_refine.overall_SU_B                             ? 
_refine.pdbx_refine_id                           'X-RAY DIFFRACTION' 
_refine.pdbx_diffrn_id                           1 
_refine.pdbx_TLS_residual_ADP_flag               ? 
_refine.correlation_coeff_Fo_to_Fc               ? 
_refine.correlation_coeff_Fo_to_Fc_free          ? 
_refine.pdbx_solvent_vdw_probe_radii             ? 
_refine.pdbx_solvent_ion_probe_radii             ? 
_refine.pdbx_solvent_shrinkage_radii             ? 
_refine.pdbx_overall_phase_error                 ? 
_refine.overall_SU_R_Cruickshank_DPI             ? 
_refine.pdbx_overall_SU_R_free_Cruickshank_DPI   ? 
_refine.pdbx_overall_SU_R_Blow_DPI               ? 
_refine.pdbx_overall_SU_R_free_Blow_DPI          ? 
# 
_refine_hist.pdbx_refine_id                   'X-RAY DIFFRACTION' 
_refine_hist.cycle_id                         LAST 
_refine_hist.pdbx_number_atoms_protein        0 
_refine_hist.pdbx_number_atoms_nucleic_acid   486 
_refine_hist.pdbx_number_atoms_ligand         34 
_refine_hist.number_atoms_solvent             64 
_refine_hist.number_atoms_total               584 
_refine_hist.d_res_high                       2.250 
_refine_hist.d_res_low                        . 
# 
loop_
_refine_ls_restr.type 
_refine_ls_restr.dev_ideal 
_refine_ls_restr.dev_ideal_target 
_refine_ls_restr.weight 
_refine_ls_restr.number 
_refine_ls_restr.pdbx_refine_id 
_refine_ls_restr.pdbx_restraint_function 
n_bond_d               0.020 ? ? ? 'X-RAY DIFFRACTION' ? 
n_angle_d              ?     ? ? ? 'X-RAY DIFFRACTION' ? 
n_planar_d             ?     ? ? ? 'X-RAY DIFFRACTION' ? 
n_hb_or_metal_coord    ?     ? ? ? 'X-RAY DIFFRACTION' ? 
n_sugar_bond_it        ?     ? ? ? 'X-RAY DIFFRACTION' ? 
n_sugar_angle_it       ?     ? ? ? 'X-RAY DIFFRACTION' ? 
n_phos_bond_it         ?     ? ? ? 'X-RAY DIFFRACTION' ? 
n_phos_angle_it        ?     ? ? ? 'X-RAY DIFFRACTION' ? 
n_bond_angle_restr     ?     ? ? ? 'X-RAY DIFFRACTION' ? 
n_dihedral_angle_restr ?     ? ? ? 'X-RAY DIFFRACTION' ? 
n_impr_tor             ?     ? ? ? 'X-RAY DIFFRACTION' ? 
n_sugar_bond_d         ?     ? ? ? 'X-RAY DIFFRACTION' ? 
n_sugar_bond_angle_d   ?     ? ? ? 'X-RAY DIFFRACTION' ? 
n_phos_bond_d          ?     ? ? ? 'X-RAY DIFFRACTION' ? 
n_phos_bond_angle_d    ?     ? ? ? 'X-RAY DIFFRACTION' ? 
n_plane_restr          ?     ? ? ? 'X-RAY DIFFRACTION' ? 
n_chiral_restr         ?     ? ? ? 'X-RAY DIFFRACTION' ? 
n_singtor_nbd          ?     ? ? ? 'X-RAY DIFFRACTION' ? 
n_multtor_nbd          ?     ? ? ? 'X-RAY DIFFRACTION' ? 
n_xhyhbond_nbd         ?     ? ? ? 'X-RAY DIFFRACTION' ? 
# 
_struct.entry_id                  129D 
_struct.title                     
;DNA (5'-D(*CP*GP*CP*GP*AP*AP*TP*TP*CP*GP*CP*G)-3') COMPLEXED WITH HOECHST 33342
;
_struct.pdbx_model_details        ? 
_struct.pdbx_CASP_flag            ? 
_struct.pdbx_model_type_details   ? 
# 
_struct_keywords.entry_id        129D 
_struct_keywords.pdbx_keywords   DNA 
_struct_keywords.text            'B-DNA, DOUBLE HELIX, COMPLEXED WITH DRUG, DNA' 
# 
loop_
_struct_asym.id 
_struct_asym.pdbx_blank_PDB_chainid_flag 
_struct_asym.pdbx_modified 
_struct_asym.entity_id 
_struct_asym.details 
A N N 1 ? 
B N N 1 ? 
C N N 2 ? 
D N N 3 ? 
E N N 3 ? 
# 
_struct_ref.id                         1 
_struct_ref.entity_id                  1 
_struct_ref.db_name                    PDB 
_struct_ref.db_code                    129D 
_struct_ref.pdbx_db_accession          129D 
_struct_ref.pdbx_db_isoform            ? 
_struct_ref.pdbx_seq_one_letter_code   ? 
_struct_ref.pdbx_align_begin           ? 
# 
loop_
_struct_ref_seq.align_id 
_struct_ref_seq.ref_id 
_struct_ref_seq.pdbx_PDB_id_code 
_struct_ref_seq.pdbx_strand_id 
_struct_ref_seq.seq_align_beg 
_struct_ref_seq.pdbx_seq_align_beg_ins_code 
_struct_ref_seq.seq_align_end 
_struct_ref_seq.pdbx_seq_align_end_ins_code 
_struct_ref_seq.pdbx_db_accession 
_struct_ref_seq.db_align_beg 
_struct_ref_seq.pdbx_db_align_beg_ins_code 
_struct_ref_seq.db_align_end 
_struct_ref_seq.pdbx_db_align_end_ins_code 
_struct_ref_seq.pdbx_auth_seq_align_beg 
_struct_ref_seq.pdbx_auth_seq_align_end 
1 1 129D A 1 ? 12 ? 129D 1  ? 12 ? 1  12 
2 1 129D B 1 ? 12 ? 129D 13 ? 24 ? 13 24 
# 
_pdbx_struct_assembly.id                   1 
_pdbx_struct_assembly.details              author_defined_assembly 
_pdbx_struct_assembly.method_details       ? 
_pdbx_struct_assembly.oligomeric_details   dimeric 
_pdbx_struct_assembly.oligomeric_count     2 
# 
_pdbx_struct_assembly_gen.assembly_id       1 
_pdbx_struct_assembly_gen.oper_expression   1 
_pdbx_struct_assembly_gen.asym_id_list      A,B,C,D,E 
# 
_pdbx_struct_oper_list.id                   1 
_pdbx_struct_oper_list.type                 'identity operation' 
_pdbx_struct_oper_list.name                 1_555 
_pdbx_struct_oper_list.symmetry_operation   x,y,z 
_pdbx_struct_oper_list.matrix[1][1]         1.0000000000 
_pdbx_struct_oper_list.matrix[1][2]         0.0000000000 
_pdbx_struct_oper_list.matrix[1][3]         0.0000000000 
_pdbx_struct_oper_list.vector[1]            0.0000000000 
_pdbx_struct_oper_list.matrix[2][1]         0.0000000000 
_pdbx_struct_oper_list.matrix[2][2]         1.0000000000 
_pdbx_struct_oper_list.matrix[2][3]         0.0000000000 
_pdbx_struct_oper_list.vector[2]            0.0000000000 
_pdbx_struct_oper_list.matrix[3][1]         0.0000000000 
_pdbx_struct_oper_list.matrix[3][2]         0.0000000000 
_pdbx_struct_oper_list.matrix[3][3]         1.0000000000 
_pdbx_struct_oper_list.vector[3]            0.0000000000 
# 
_struct_biol.id   1 
# 
loop_
_struct_conn.id 
_struct_conn.conn_type_id 
_struct_conn.pdbx_leaving_atom_flag 
_struct_conn.pdbx_PDB_id 
_struct_conn.ptnr1_label_asym_id 
_struct_conn.ptnr1_label_comp_id 
_struct_conn.ptnr1_label_seq_id 
_struct_conn.ptnr1_label_atom_id 
_struct_conn.pdbx_ptnr1_label_alt_id 
_struct_conn.pdbx_ptnr1_PDB_ins_code 
_struct_conn.pdbx_ptnr1_standard_comp_id 
_struct_conn.ptnr1_symmetry 
_struct_conn.ptnr2_label_asym_id 
_struct_conn.ptnr2_label_comp_id 
_struct_conn.ptnr2_label_seq_id 
_struct_conn.ptnr2_label_atom_id 
_struct_conn.pdbx_ptnr2_label_alt_id 
_struct_conn.pdbx_ptnr2_PDB_ins_code 
_struct_conn.ptnr1_auth_asym_id 
_struct_conn.ptnr1_auth_comp_id 
_struct_conn.ptnr1_auth_seq_id 
_struct_conn.ptnr2_auth_asym_id 
_struct_conn.ptnr2_auth_comp_id 
_struct_conn.ptnr2_auth_seq_id 
_struct_conn.ptnr2_symmetry 
_struct_conn.pdbx_ptnr3_label_atom_id 
_struct_conn.pdbx_ptnr3_label_seq_id 
_struct_conn.pdbx_ptnr3_label_comp_id 
_struct_conn.pdbx_ptnr3_label_asym_id 
_struct_conn.pdbx_ptnr3_label_alt_id 
_struct_conn.pdbx_ptnr3_PDB_ins_code 
_struct_conn.details 
_struct_conn.pdbx_dist_value 
_struct_conn.pdbx_value_order 
_struct_conn.pdbx_role 
hydrog1  hydrog ? ? A DC 1  N3 ? ? ? 1_555 B DG 12 N1 ? ? A DC 1  B DG 24 1_555 ? ? ? ? ? ? WATSON-CRICK ? ? ? 
hydrog2  hydrog ? ? A DC 1  N4 ? ? ? 1_555 B DG 12 O6 ? ? A DC 1  B DG 24 1_555 ? ? ? ? ? ? WATSON-CRICK ? ? ? 
hydrog3  hydrog ? ? A DC 1  O2 ? ? ? 1_555 B DG 12 N2 ? ? A DC 1  B DG 24 1_555 ? ? ? ? ? ? WATSON-CRICK ? ? ? 
hydrog4  hydrog ? ? A DG 2  N1 ? ? ? 1_555 B DC 11 N3 ? ? A DG 2  B DC 23 1_555 ? ? ? ? ? ? WATSON-CRICK ? ? ? 
hydrog5  hydrog ? ? A DG 2  N2 ? ? ? 1_555 B DC 11 O2 ? ? A DG 2  B DC 23 1_555 ? ? ? ? ? ? WATSON-CRICK ? ? ? 
hydrog6  hydrog ? ? A DG 2  O6 ? ? ? 1_555 B DC 11 N4 ? ? A DG 2  B DC 23 1_555 ? ? ? ? ? ? WATSON-CRICK ? ? ? 
hydrog7  hydrog ? ? A DC 3  N3 ? ? ? 1_555 B DG 10 N1 ? ? A DC 3  B DG 22 1_555 ? ? ? ? ? ? WATSON-CRICK ? ? ? 
hydrog8  hydrog ? ? A DC 3  N4 ? ? ? 1_555 B DG 10 O6 ? ? A DC 3  B DG 22 1_555 ? ? ? ? ? ? WATSON-CRICK ? ? ? 
hydrog9  hydrog ? ? A DC 3  O2 ? ? ? 1_555 B DG 10 N2 ? ? A DC 3  B DG 22 1_555 ? ? ? ? ? ? WATSON-CRICK ? ? ? 
hydrog10 hydrog ? ? A DG 4  N1 ? ? ? 1_555 B DC 9  N3 ? ? A DG 4  B DC 21 1_555 ? ? ? ? ? ? WATSON-CRICK ? ? ? 
hydrog11 hydrog ? ? A DG 4  N2 ? ? ? 1_555 B DC 9  O2 ? ? A DG 4  B DC 21 1_555 ? ? ? ? ? ? WATSON-CRICK ? ? ? 
hydrog12 hydrog ? ? A DG 4  O6 ? ? ? 1_555 B DC 9  N4 ? ? A DG 4  B DC 21 1_555 ? ? ? ? ? ? WATSON-CRICK ? ? ? 
hydrog13 hydrog ? ? A DA 5  N1 ? ? ? 1_555 B DT 8  N3 ? ? A DA 5  B DT 20 1_555 ? ? ? ? ? ? WATSON-CRICK ? ? ? 
hydrog14 hydrog ? ? A DA 5  N6 ? ? ? 1_555 B DT 8  O4 ? ? A DA 5  B DT 20 1_555 ? ? ? ? ? ? WATSON-CRICK ? ? ? 
hydrog15 hydrog ? ? A DA 6  N1 ? ? ? 1_555 B DT 7  N3 ? ? A DA 6  B DT 19 1_555 ? ? ? ? ? ? WATSON-CRICK ? ? ? 
hydrog16 hydrog ? ? A DA 6  N6 ? ? ? 1_555 B DT 7  O4 ? ? A DA 6  B DT 19 1_555 ? ? ? ? ? ? WATSON-CRICK ? ? ? 
hydrog17 hydrog ? ? A DT 7  N3 ? ? ? 1_555 B DA 6  N1 ? ? A DT 7  B DA 18 1_555 ? ? ? ? ? ? WATSON-CRICK ? ? ? 
hydrog18 hydrog ? ? A DT 7  O4 ? ? ? 1_555 B DA 6  N6 ? ? A DT 7  B DA 18 1_555 ? ? ? ? ? ? WATSON-CRICK ? ? ? 
hydrog19 hydrog ? ? A DT 8  N3 ? ? ? 1_555 B DA 5  N1 ? ? A DT 8  B DA 17 1_555 ? ? ? ? ? ? WATSON-CRICK ? ? ? 
hydrog20 hydrog ? ? A DT 8  O4 ? ? ? 1_555 B DA 5  N6 ? ? A DT 8  B DA 17 1_555 ? ? ? ? ? ? WATSON-CRICK ? ? ? 
hydrog21 hydrog ? ? A DC 9  N3 ? ? ? 1_555 B DG 4  N1 ? ? A DC 9  B DG 16 1_555 ? ? ? ? ? ? WATSON-CRICK ? ? ? 
hydrog22 hydrog ? ? A DC 9  N4 ? ? ? 1_555 B DG 4  O6 ? ? A DC 9  B DG 16 1_555 ? ? ? ? ? ? WATSON-CRICK ? ? ? 
hydrog23 hydrog ? ? A DC 9  O2 ? ? ? 1_555 B DG 4  N2 ? ? A DC 9  B DG 16 1_555 ? ? ? ? ? ? WATSON-CRICK ? ? ? 
hydrog24 hydrog ? ? A DG 10 N1 ? ? ? 1_555 B DC 3  N3 ? ? A DG 10 B DC 15 1_555 ? ? ? ? ? ? WATSON-CRICK ? ? ? 
hydrog25 hydrog ? ? A DG 10 N2 ? ? ? 1_555 B DC 3  O2 ? ? A DG 10 B DC 15 1_555 ? ? ? ? ? ? WATSON-CRICK ? ? ? 
hydrog26 hydrog ? ? A DG 10 O6 ? ? ? 1_555 B DC 3  N4 ? ? A DG 10 B DC 15 1_555 ? ? ? ? ? ? WATSON-CRICK ? ? ? 
hydrog27 hydrog ? ? A DC 11 N3 ? ? ? 1_555 B DG 2  N1 ? ? A DC 11 B DG 14 1_555 ? ? ? ? ? ? WATSON-CRICK ? ? ? 
hydrog28 hydrog ? ? A DC 11 N4 ? ? ? 1_555 B DG 2  O6 ? ? A DC 11 B DG 14 1_555 ? ? ? ? ? ? WATSON-CRICK ? ? ? 
hydrog29 hydrog ? ? A DC 11 O2 ? ? ? 1_555 B DG 2  N2 ? ? A DC 11 B DG 14 1_555 ? ? ? ? ? ? WATSON-CRICK ? ? ? 
hydrog30 hydrog ? ? A DG 12 N1 ? ? ? 1_555 B DC 1  N3 ? ? A DG 12 B DC 13 1_555 ? ? ? ? ? ? WATSON-CRICK ? ? ? 
hydrog31 hydrog ? ? A DG 12 N2 ? ? ? 1_555 B DC 1  O2 ? ? A DG 12 B DC 13 1_555 ? ? ? ? ? ? WATSON-CRICK ? ? ? 
hydrog32 hydrog ? ? A DG 12 O6 ? ? ? 1_555 B DC 1  N4 ? ? A DG 12 B DC 13 1_555 ? ? ? ? ? ? WATSON-CRICK ? ? ? 
# 
_struct_conn_type.id          hydrog 
_struct_conn_type.criteria    ? 
_struct_conn_type.reference   ? 
# 
loop_
_struct_site.id 
_struct_site.pdbx_evidence_code 
_struct_site.pdbx_auth_asym_id 
_struct_site.pdbx_auth_comp_id 
_struct_site.pdbx_auth_seq_id 
_struct_site.pdbx_auth_ins_code 
_struct_site.pdbx_num_residues 
_struct_site.details 
AC1 Software A HT1 25 ? 9 'BINDING SITE FOR RESIDUE HT1 A 25' 
1   ?        ? ?   ?  ? ? ?                                   
# 
loop_
_struct_site_gen.id 
_struct_site_gen.site_id 
_struct_site_gen.pdbx_num_res 
_struct_site_gen.label_comp_id 
_struct_site_gen.label_asym_id 
_struct_site_gen.label_seq_id 
_struct_site_gen.pdbx_auth_ins_code 
_struct_site_gen.auth_comp_id 
_struct_site_gen.auth_asym_id 
_struct_site_gen.auth_seq_id 
_struct_site_gen.label_atom_id 
_struct_site_gen.label_alt_id 
_struct_site_gen.symmetry 
_struct_site_gen.details 
1 AC1 9 DA A 5  ? DA A 5  . ? 1_555 ? 
2 AC1 9 DA A 6  ? DA A 6  . ? 1_555 ? 
3 AC1 9 DT A 7  ? DT A 7  . ? 1_555 ? 
4 AC1 9 DT A 8  ? DT A 8  . ? 1_555 ? 
5 AC1 9 DC A 9  ? DC A 9  . ? 1_555 ? 
6 AC1 9 DT B 7  ? DT B 19 . ? 1_555 ? 
7 AC1 9 DT B 8  ? DT B 20 . ? 1_555 ? 
8 AC1 9 DC B 9  ? DC B 21 . ? 1_555 ? 
9 AC1 9 DG B 10 ? DG B 22 . ? 1_555 ? 
# 
loop_
_pdbx_validate_close_contact.id 
_pdbx_validate_close_contact.PDB_model_num 
_pdbx_validate_close_contact.auth_atom_id_1 
_pdbx_validate_close_contact.auth_asym_id_1 
_pdbx_validate_close_contact.auth_comp_id_1 
_pdbx_validate_close_contact.auth_seq_id_1 
_pdbx_validate_close_contact.PDB_ins_code_1 
_pdbx_validate_close_contact.label_alt_id_1 
_pdbx_validate_close_contact.auth_atom_id_2 
_pdbx_validate_close_contact.auth_asym_id_2 
_pdbx_validate_close_contact.auth_comp_id_2 
_pdbx_validate_close_contact.auth_seq_id_2 
_pdbx_validate_close_contact.PDB_ins_code_2 
_pdbx_validate_close_contact.label_alt_id_2 
_pdbx_validate_close_contact.dist 
1 1 "C1'" A DA 6 ? ? O A HOH 26 ? ? 1.64 
2 1 "C2'" A DA 6 ? ? O A HOH 26 ? ? 1.76 
3 1 "O3'" A DA 6 ? ? O A HOH 26 ? ? 1.85 
4 1 "C5'" A DT 7 ? ? O A HOH 26 ? ? 1.96 
5 1 "C3'" A DA 6 ? ? O A HOH 26 ? ? 1.96 
# 
loop_
_pdbx_validate_rmsd_bond.id 
_pdbx_validate_rmsd_bond.PDB_model_num 
_pdbx_validate_rmsd_bond.auth_atom_id_1 
_pdbx_validate_rmsd_bond.auth_asym_id_1 
_pdbx_validate_rmsd_bond.auth_comp_id_1 
_pdbx_validate_rmsd_bond.auth_seq_id_1 
_pdbx_validate_rmsd_bond.PDB_ins_code_1 
_pdbx_validate_rmsd_bond.label_alt_id_1 
_pdbx_validate_rmsd_bond.auth_atom_id_2 
_pdbx_validate_rmsd_bond.auth_asym_id_2 
_pdbx_validate_rmsd_bond.auth_comp_id_2 
_pdbx_validate_rmsd_bond.auth_seq_id_2 
_pdbx_validate_rmsd_bond.PDB_ins_code_2 
_pdbx_validate_rmsd_bond.label_alt_id_2 
_pdbx_validate_rmsd_bond.bond_value 
_pdbx_validate_rmsd_bond.bond_target_value 
_pdbx_validate_rmsd_bond.bond_deviation 
_pdbx_validate_rmsd_bond.bond_standard_deviation 
_pdbx_validate_rmsd_bond.linker_flag 
1  1 "C2'" A DA 5  ? ? "C1'" A DA 5  ? ? 1.412 1.518 -0.106 0.010 N 
2  1 "O4'" A DA 5  ? ? "C1'" A DA 5  ? ? 1.513 1.420 0.093  0.011 N 
3  1 "O4'" A DA 5  ? ? "C4'" A DA 5  ? ? 1.365 1.446 -0.081 0.010 N 
4  1 "O4'" A DA 6  ? ? "C1'" A DA 6  ? ? 1.508 1.420 0.088  0.011 N 
5  1 "O4'" A DA 6  ? ? "C4'" A DA 6  ? ? 1.382 1.446 -0.064 0.010 N 
6  1 P     A DT 7  ? ? "O5'" A DT 7  ? ? 1.657 1.593 0.064  0.010 N 
7  1 C6    A DT 7  ? ? N1    A DT 7  ? ? 1.326 1.378 -0.052 0.007 N 
8  1 "O4'" A DT 8  ? ? "C1'" A DT 8  ? ? 1.487 1.420 0.067  0.011 N 
9  1 "O4'" A DC 9  ? ? "C4'" A DC 9  ? ? 1.374 1.446 -0.072 0.010 N 
10 1 "O3'" A DG 10 ? ? "C3'" A DG 10 ? ? 1.364 1.419 -0.055 0.006 N 
11 1 P     B DG 16 ? ? "O5'" B DG 16 ? ? 1.669 1.593 0.076  0.010 N 
12 1 "O4'" B DA 17 ? ? "C4'" B DA 17 ? ? 1.377 1.446 -0.069 0.010 N 
13 1 C4    B DT 20 ? ? O4    B DT 20 ? ? 1.284 1.228 0.056  0.009 N 
# 
loop_
_pdbx_validate_rmsd_angle.id 
_pdbx_validate_rmsd_angle.PDB_model_num 
_pdbx_validate_rmsd_angle.auth_atom_id_1 
_pdbx_validate_rmsd_angle.auth_asym_id_1 
_pdbx_validate_rmsd_angle.auth_comp_id_1 
_pdbx_validate_rmsd_angle.auth_seq_id_1 
_pdbx_validate_rmsd_angle.PDB_ins_code_1 
_pdbx_validate_rmsd_angle.label_alt_id_1 
_pdbx_validate_rmsd_angle.auth_atom_id_2 
_pdbx_validate_rmsd_angle.auth_asym_id_2 
_pdbx_validate_rmsd_angle.auth_comp_id_2 
_pdbx_validate_rmsd_angle.auth_seq_id_2 
_pdbx_validate_rmsd_angle.PDB_ins_code_2 
_pdbx_validate_rmsd_angle.label_alt_id_2 
_pdbx_validate_rmsd_angle.auth_atom_id_3 
_pdbx_validate_rmsd_angle.auth_asym_id_3 
_pdbx_validate_rmsd_angle.auth_comp_id_3 
_pdbx_validate_rmsd_angle.auth_seq_id_3 
_pdbx_validate_rmsd_angle.PDB_ins_code_3 
_pdbx_validate_rmsd_angle.label_alt_id_3 
_pdbx_validate_rmsd_angle.angle_value 
_pdbx_validate_rmsd_angle.angle_target_value 
_pdbx_validate_rmsd_angle.angle_deviation 
_pdbx_validate_rmsd_angle.angle_standard_deviation 
_pdbx_validate_rmsd_angle.linker_flag 
1  1 "O5'" A DC 1  ? ? "C5'" A DC 1  ? ? "C4'" A DC 1  ? ? 104.29 109.40 -5.11  0.80 N 
2  1 "O4'" A DC 1  ? ? "C1'" A DC 1  ? ? N1    A DC 1  ? ? 110.75 108.30 2.45   0.30 N 
3  1 C6    A DC 1  ? ? N1    A DC 1  ? ? C2    A DC 1  ? ? 123.06 120.30 2.76   0.40 N 
4  1 "O5'" A DG 2  ? ? "C5'" A DG 2  ? ? "C4'" A DG 2  ? ? 102.32 109.40 -7.08  0.80 N 
5  1 "O4'" A DG 2  ? ? "C4'" A DG 2  ? ? "C3'" A DG 2  ? ? 100.97 104.50 -3.53  0.40 N 
6  1 "C4'" A DG 2  ? ? "C3'" A DG 2  ? ? "C2'" A DG 2  ? ? 96.77  102.20 -5.43  0.70 N 
7  1 "O4'" A DG 2  ? ? "C1'" A DG 2  ? ? N9    A DG 2  ? ? 111.60 108.30 3.30   0.30 N 
8  1 C5    A DG 2  ? ? C6    A DG 2  ? ? N1    A DG 2  ? ? 114.75 111.50 3.25   0.50 N 
9  1 C5    A DG 2  ? ? C6    A DG 2  ? ? O6    A DG 2  ? ? 122.58 128.60 -6.02  0.60 N 
10 1 "O5'" A DC 3  ? ? "C5'" A DC 3  ? ? "C4'" A DC 3  ? ? 104.39 109.40 -5.01  0.80 N 
11 1 "O4'" A DC 3  ? ? "C4'" A DC 3  ? ? "C3'" A DC 3  ? ? 98.48  104.50 -6.02  0.40 N 
12 1 "C4'" A DC 3  ? ? "C3'" A DC 3  ? ? "C2'" A DC 3  ? ? 97.89  102.20 -4.31  0.70 N 
13 1 "C3'" A DC 3  ? ? "O3'" A DC 3  ? ? P     A DG 4  ? ? 131.71 119.70 12.01  1.20 Y 
14 1 "C3'" A DG 4  ? ? "C2'" A DG 4  ? ? "C1'" A DG 4  ? ? 95.54  102.40 -6.86  0.80 N 
15 1 "O4'" A DG 4  ? ? "C1'" A DG 4  ? ? N9    A DG 4  ? ? 112.88 108.30 4.58   0.30 N 
16 1 C5    A DG 4  ? ? C6    A DG 4  ? ? O6    A DG 4  ? ? 124.29 128.60 -4.31  0.60 N 
17 1 "C3'" A DG 4  ? ? "O3'" A DG 4  ? ? P     A DA 5  ? ? 129.90 119.70 10.20  1.20 Y 
18 1 "O3'" A DG 4  ? ? P     A DA 5  ? ? OP1   A DA 5  ? ? 119.75 110.50 9.25   1.10 Y 
19 1 OP1   A DA 5  ? ? P     A DA 5  ? ? OP2   A DA 5  ? ? 106.11 119.60 -13.49 1.50 N 
20 1 "O5'" A DA 5  ? ? P     A DA 5  ? ? OP1   A DA 5  ? ? 119.44 110.70 8.74   1.20 N 
21 1 P     A DA 5  ? ? "O5'" A DA 5  ? ? "C5'" A DA 5  ? ? 109.17 120.90 -11.73 1.60 N 
22 1 N9    A DA 5  ? ? "C1'" A DA 5  ? ? "C2'" A DA 5  ? ? 123.49 114.30 9.19   1.40 N 
23 1 "O4'" A DA 5  ? ? "C1'" A DA 5  ? ? N9    A DA 5  ? ? 102.28 108.00 -5.72  0.70 N 
24 1 N1    A DA 5  ? ? C2    A DA 5  ? ? N3    A DA 5  ? ? 125.43 129.30 -3.87  0.50 N 
25 1 "C3'" A DA 5  ? ? "O3'" A DA 5  ? ? P     A DA 6  ? ? 108.40 119.70 -11.30 1.20 Y 
26 1 "O5'" A DA 6  ? ? "C5'" A DA 6  ? ? "C4'" A DA 6  ? ? 104.45 109.40 -4.95  0.80 N 
27 1 "O4'" A DA 6  ? ? "C1'" A DA 6  ? ? N9    A DA 6  ? ? 110.27 108.30 1.97   0.30 N 
28 1 P     A DT 7  ? ? "O5'" A DT 7  ? ? "C5'" A DT 7  ? ? 104.12 120.90 -16.78 1.60 N 
29 1 C2    A DT 7  ? ? N3    A DT 7  ? ? C4    A DT 7  ? ? 121.73 127.20 -5.47  0.60 N 
30 1 N3    A DT 7  ? ? C4    A DT 7  ? ? C5    A DT 7  ? ? 118.94 115.20 3.74   0.60 N 
31 1 "O5'" A DT 8  ? ? "C5'" A DT 8  ? ? "C4'" A DT 8  ? ? 101.99 109.40 -7.41  0.80 N 
32 1 P     A DC 9  ? ? "O5'" A DC 9  ? ? "C5'" A DC 9  ? ? 111.27 120.90 -9.63  1.60 N 
33 1 "C5'" A DC 9  ? ? "C4'" A DC 9  ? ? "O4'" A DC 9  ? ? 116.78 109.80 6.98   1.10 N 
34 1 N3    A DC 9  ? ? C4    A DC 9  ? ? N4    A DC 9  ? ? 122.58 118.00 4.58   0.70 N 
35 1 OP1   A DG 10 ? ? P     A DG 10 ? ? OP2   A DG 10 ? ? 110.23 119.60 -9.37  1.50 N 
36 1 "C4'" A DG 10 ? ? "C3'" A DG 10 ? ? "C2'" A DG 10 ? ? 94.64  102.20 -7.56  0.70 N 
37 1 "C3'" A DG 10 ? ? "C2'" A DG 10 ? ? "C1'" A DG 10 ? ? 96.57  102.40 -5.83  0.80 N 
38 1 "O4'" A DG 10 ? ? "C1'" A DG 10 ? ? N9    A DG 10 ? ? 114.38 108.30 6.08   0.30 N 
39 1 "C3'" A DG 10 ? ? "O3'" A DG 10 ? ? P     A DC 11 ? ? 138.39 119.70 18.69  1.20 Y 
40 1 P     A DC 11 ? ? "O5'" A DC 11 ? ? "C5'" A DC 11 ? ? 111.15 120.90 -9.75  1.60 N 
41 1 "O4'" A DC 11 ? ? "C1'" A DC 11 ? ? N1    A DC 11 ? ? 113.08 108.30 4.78   0.30 N 
42 1 N3    A DC 11 ? ? C4    A DC 11 ? ? C5    A DC 11 ? ? 119.42 121.90 -2.48  0.40 N 
43 1 "O5'" A DG 12 ? ? "C5'" A DG 12 ? ? "C4'" A DG 12 ? ? 103.92 109.40 -5.48  0.80 N 
44 1 "O4'" A DG 12 ? ? "C1'" A DG 12 ? ? N9    A DG 12 ? ? 113.07 108.30 4.77   0.30 N 
45 1 C5    A DG 12 ? ? C6    A DG 12 ? ? N1    A DG 12 ? ? 115.40 111.50 3.90   0.50 N 
46 1 "C3'" B DC 13 ? ? "O3'" B DC 13 ? ? P     B DG 14 ? ? 128.66 119.70 8.96   1.20 Y 
47 1 "C3'" B DG 14 ? ? "C2'" B DG 14 ? ? "C1'" B DG 14 ? ? 94.67  102.40 -7.73  0.80 N 
48 1 "O4'" B DG 14 ? ? "C1'" B DG 14 ? ? N9    B DG 14 ? ? 116.58 108.30 8.28   0.30 N 
49 1 "C1'" B DC 15 ? ? "O4'" B DC 15 ? ? "C4'" B DC 15 ? ? 101.99 110.10 -8.11  1.00 N 
50 1 "O4'" B DC 15 ? ? "C1'" B DC 15 ? ? N1    B DC 15 ? ? 113.18 108.30 4.88   0.30 N 
51 1 "O4'" B DG 16 ? ? "C1'" B DG 16 ? ? N9    B DG 16 ? ? 114.58 108.30 6.28   0.30 N 
52 1 C5    B DG 16 ? ? C6    B DG 16 ? ? N1    B DG 16 ? ? 114.52 111.50 3.02   0.50 N 
53 1 P     B DA 17 ? ? "O5'" B DA 17 ? ? "C5'" B DA 17 ? ? 107.90 120.90 -13.00 1.60 N 
54 1 C6    B DA 17 ? ? N1    B DA 17 ? ? C2    B DA 17 ? ? 123.58 118.60 4.98   0.60 N 
55 1 N1    B DA 17 ? ? C2    B DA 17 ? ? N3    B DA 17 ? ? 124.47 129.30 -4.83  0.50 N 
56 1 N1    B DA 17 ? ? C6    B DA 17 ? ? N6    B DA 17 ? ? 123.20 118.60 4.60   0.60 N 
57 1 OP1   B DA 18 ? ? P     B DA 18 ? ? OP2   B DA 18 ? ? 107.99 119.60 -11.61 1.50 N 
58 1 "O5'" B DA 18 ? ? "C5'" B DA 18 ? ? "C4'" B DA 18 ? ? 102.08 109.40 -7.32  0.80 N 
59 1 "O4'" B DA 18 ? ? "C1'" B DA 18 ? ? N9    B DA 18 ? ? 110.84 108.30 2.54   0.30 N 
60 1 "C3'" B DA 18 ? ? "O3'" B DA 18 ? ? P     B DT 19 ? ? 132.93 119.70 13.23  1.20 Y 
61 1 OP1   B DT 19 ? ? P     B DT 19 ? ? OP2   B DT 19 ? ? 109.48 119.60 -10.12 1.50 N 
62 1 "O5'" B DT 19 ? ? "C5'" B DT 19 ? ? "C4'" B DT 19 ? ? 100.36 109.40 -9.04  0.80 N 
63 1 "C4'" B DT 19 ? ? "C3'" B DT 19 ? ? "C2'" B DT 19 ? ? 97.25  102.20 -4.95  0.70 N 
64 1 N1    B DT 19 ? ? C2    B DT 19 ? ? N3    B DT 19 ? ? 118.64 114.60 4.04   0.60 N 
65 1 C2    B DT 19 ? ? N3    B DT 19 ? ? C4    B DT 19 ? ? 121.80 127.20 -5.40  0.60 N 
66 1 N3    B DT 19 ? ? C4    B DT 19 ? ? C5    B DT 19 ? ? 119.71 115.20 4.51   0.60 N 
67 1 "O4'" B DT 20 ? ? "C4'" B DT 20 ? ? "C3'" B DT 20 ? ? 101.47 104.50 -3.03  0.40 N 
68 1 "O4'" B DT 20 ? ? "C1'" B DT 20 ? ? N1    B DT 20 ? ? 110.49 108.30 2.19   0.30 N 
69 1 "C3'" B DT 20 ? ? "O3'" B DT 20 ? ? P     B DC 21 ? ? 110.17 119.70 -9.53  1.20 Y 
70 1 "O4'" B DC 21 ? ? "C1'" B DC 21 ? ? N1    B DC 21 ? ? 111.56 108.30 3.26   0.30 N 
71 1 "C4'" B DG 22 ? ? "C3'" B DG 22 ? ? "C2'" B DG 22 ? ? 97.83  102.20 -4.37  0.70 N 
72 1 "C3'" B DG 22 ? ? "C2'" B DG 22 ? ? "C1'" B DG 22 ? ? 94.72  102.40 -7.68  0.80 N 
73 1 "O4'" B DG 22 ? ? "C1'" B DG 22 ? ? N9    B DG 22 ? ? 118.20 108.30 9.90   0.30 N 
74 1 C6    B DG 22 ? ? N1    B DG 22 ? ? C2    B DG 22 ? ? 121.05 125.10 -4.05  0.60 N 
75 1 C5    B DG 22 ? ? C6    B DG 22 ? ? N1    B DG 22 ? ? 114.96 111.50 3.46   0.50 N 
76 1 "O4'" B DC 23 ? ? "C1'" B DC 23 ? ? N1    B DC 23 ? ? 112.68 108.30 4.38   0.30 N 
77 1 "C3'" B DC 23 ? ? "O3'" B DC 23 ? ? P     B DG 24 ? ? 112.22 119.70 -7.48  1.20 Y 
78 1 "O4'" B DG 24 ? ? "C1'" B DG 24 ? ? N9    B DG 24 ? ? 112.61 108.30 4.31   0.30 N 
79 1 C5    B DG 24 ? ? C6    B DG 24 ? ? O6    B DG 24 ? ? 124.70 128.60 -3.90  0.60 N 
# 
_struct_site_keywords.site_id   1 
_struct_site_keywords.text      'MINOR GROOVE BINDER' 
# 
loop_
_refine_B_iso.class 
_refine_B_iso.details 
_refine_B_iso.treatment 
_refine_B_iso.pdbx_refine_id 
'ALL ATOMS'  TR isotropic 'X-RAY DIFFRACTION' 
'ALL WATERS' TR isotropic 'X-RAY DIFFRACTION' 
# 
loop_
_refine_occupancy.class 
_refine_occupancy.treatment 
_refine_occupancy.pdbx_refine_id 
'ALL ATOMS'  fix 'X-RAY DIFFRACTION' 
'ALL WATERS' fix 'X-RAY DIFFRACTION' 
# 
loop_
_chem_comp_atom.comp_id 
_chem_comp_atom.atom_id 
_chem_comp_atom.type_symbol 
_chem_comp_atom.pdbx_aromatic_flag 
_chem_comp_atom.pdbx_stereo_config 
_chem_comp_atom.pdbx_ordinal 
DA  OP3    O N N 1   
DA  P      P N N 2   
DA  OP1    O N N 3   
DA  OP2    O N N 4   
DA  "O5'"  O N N 5   
DA  "C5'"  C N N 6   
DA  "C4'"  C N R 7   
DA  "O4'"  O N N 8   
DA  "C3'"  C N S 9   
DA  "O3'"  O N N 10  
DA  "C2'"  C N N 11  
DA  "C1'"  C N R 12  
DA  N9     N Y N 13  
DA  C8     C Y N 14  
DA  N7     N Y N 15  
DA  C5     C Y N 16  
DA  C6     C Y N 17  
DA  N6     N N N 18  
DA  N1     N Y N 19  
DA  C2     C Y N 20  
DA  N3     N Y N 21  
DA  C4     C Y N 22  
DA  HOP3   H N N 23  
DA  HOP2   H N N 24  
DA  "H5'"  H N N 25  
DA  "H5''" H N N 26  
DA  "H4'"  H N N 27  
DA  "H3'"  H N N 28  
DA  "HO3'" H N N 29  
DA  "H2'"  H N N 30  
DA  "H2''" H N N 31  
DA  "H1'"  H N N 32  
DA  H8     H N N 33  
DA  H61    H N N 34  
DA  H62    H N N 35  
DA  H2     H N N 36  
DC  OP3    O N N 37  
DC  P      P N N 38  
DC  OP1    O N N 39  
DC  OP2    O N N 40  
DC  "O5'"  O N N 41  
DC  "C5'"  C N N 42  
DC  "C4'"  C N R 43  
DC  "O4'"  O N N 44  
DC  "C3'"  C N S 45  
DC  "O3'"  O N N 46  
DC  "C2'"  C N N 47  
DC  "C1'"  C N R 48  
DC  N1     N N N 49  
DC  C2     C N N 50  
DC  O2     O N N 51  
DC  N3     N N N 52  
DC  C4     C N N 53  
DC  N4     N N N 54  
DC  C5     C N N 55  
DC  C6     C N N 56  
DC  HOP3   H N N 57  
DC  HOP2   H N N 58  
DC  "H5'"  H N N 59  
DC  "H5''" H N N 60  
DC  "H4'"  H N N 61  
DC  "H3'"  H N N 62  
DC  "HO3'" H N N 63  
DC  "H2'"  H N N 64  
DC  "H2''" H N N 65  
DC  "H1'"  H N N 66  
DC  H41    H N N 67  
DC  H42    H N N 68  
DC  H5     H N N 69  
DC  H6     H N N 70  
DG  OP3    O N N 71  
DG  P      P N N 72  
DG  OP1    O N N 73  
DG  OP2    O N N 74  
DG  "O5'"  O N N 75  
DG  "C5'"  C N N 76  
DG  "C4'"  C N R 77  
DG  "O4'"  O N N 78  
DG  "C3'"  C N S 79  
DG  "O3'"  O N N 80  
DG  "C2'"  C N N 81  
DG  "C1'"  C N R 82  
DG  N9     N Y N 83  
DG  C8     C Y N 84  
DG  N7     N Y N 85  
DG  C5     C Y N 86  
DG  C6     C N N 87  
DG  O6     O N N 88  
DG  N1     N N N 89  
DG  C2     C N N 90  
DG  N2     N N N 91  
DG  N3     N N N 92  
DG  C4     C Y N 93  
DG  HOP3   H N N 94  
DG  HOP2   H N N 95  
DG  "H5'"  H N N 96  
DG  "H5''" H N N 97  
DG  "H4'"  H N N 98  
DG  "H3'"  H N N 99  
DG  "HO3'" H N N 100 
DG  "H2'"  H N N 101 
DG  "H2''" H N N 102 
DG  "H1'"  H N N 103 
DG  H8     H N N 104 
DG  H1     H N N 105 
DG  H21    H N N 106 
DG  H22    H N N 107 
DT  OP3    O N N 108 
DT  P      P N N 109 
DT  OP1    O N N 110 
DT  OP2    O N N 111 
DT  "O5'"  O N N 112 
DT  "C5'"  C N N 113 
DT  "C4'"  C N R 114 
DT  "O4'"  O N N 115 
DT  "C3'"  C N S 116 
DT  "O3'"  O N N 117 
DT  "C2'"  C N N 118 
DT  "C1'"  C N R 119 
DT  N1     N N N 120 
DT  C2     C N N 121 
DT  O2     O N N 122 
DT  N3     N N N 123 
DT  C4     C N N 124 
DT  O4     O N N 125 
DT  C5     C N N 126 
DT  C7     C N N 127 
DT  C6     C N N 128 
DT  HOP3   H N N 129 
DT  HOP2   H N N 130 
DT  "H5'"  H N N 131 
DT  "H5''" H N N 132 
DT  "H4'"  H N N 133 
DT  "H3'"  H N N 134 
DT  "HO3'" H N N 135 
DT  "H2'"  H N N 136 
DT  "H2''" H N N 137 
DT  "H1'"  H N N 138 
DT  H3     H N N 139 
DT  H71    H N N 140 
DT  H72    H N N 141 
DT  H73    H N N 142 
DT  H6     H N N 143 
HOH O      O N N 144 
HOH H1     H N N 145 
HOH H2     H N N 146 
HT1 C1     C Y N 147 
HT1 O1     O N N 148 
HT1 C2     C Y N 149 
HT1 C3     C Y N 150 
HT1 C4     C Y N 151 
HT1 C5     C Y N 152 
HT1 C6     C Y N 153 
HT1 C7     C Y N 154 
HT1 N1     N Y N 155 
HT1 C8     C Y N 156 
HT1 C9     C Y N 157 
HT1 N2     N Y N 158 
HT1 C10    C Y N 159 
HT1 C11    C Y N 160 
HT1 C12    C Y N 161 
HT1 C13    C Y N 162 
HT1 C14    C Y N 163 
HT1 N3     N Y N 164 
HT1 C15    C Y N 165 
HT1 C16    C Y N 166 
HT1 N4     N Y N 167 
HT1 C17    C Y N 168 
HT1 C18    C Y N 169 
HT1 C19    C Y N 170 
HT1 C20    C Y N 171 
HT1 N5     N N N 172 
HT1 C21    C N N 173 
HT1 C22    C N N 174 
HT1 N6     N N N 175 
HT1 C23    C N N 176 
HT1 C24    C N N 177 
HT1 C25    C N N 178 
HT1 C26    C N N 179 
HT1 C27    C N N 180 
HT1 H2     H N N 181 
HT1 H3     H N N 182 
HT1 H5     H N N 183 
HT1 H6     H N N 184 
HT1 HN1    H N N 185 
HT1 H10    H N N 186 
HT1 H11    H N N 187 
HT1 H13    H N N 188 
HT1 HN3    H N N 189 
HT1 H17    H N N 190 
HT1 H18    H N N 191 
HT1 H20    H N N 192 
HT1 H211   H N N 193 
HT1 H212   H N N 194 
HT1 H221   H N N 195 
HT1 H222   H N N 196 
HT1 H231   H N N 197 
HT1 H232   H N N 198 
HT1 H241   H N N 199 
HT1 H242   H N N 200 
HT1 H251   H N N 201 
HT1 H252   H N N 202 
HT1 H253   H N N 203 
HT1 H261   H N N 204 
HT1 H262   H N N 205 
HT1 H271   H N N 206 
HT1 H272   H N N 207 
HT1 H273   H N N 208 
# 
loop_
_chem_comp_bond.comp_id 
_chem_comp_bond.atom_id_1 
_chem_comp_bond.atom_id_2 
_chem_comp_bond.value_order 
_chem_comp_bond.pdbx_aromatic_flag 
_chem_comp_bond.pdbx_stereo_config 
_chem_comp_bond.pdbx_ordinal 
DA  OP3   P      sing N N 1   
DA  OP3   HOP3   sing N N 2   
DA  P     OP1    doub N N 3   
DA  P     OP2    sing N N 4   
DA  P     "O5'"  sing N N 5   
DA  OP2   HOP2   sing N N 6   
DA  "O5'" "C5'"  sing N N 7   
DA  "C5'" "C4'"  sing N N 8   
DA  "C5'" "H5'"  sing N N 9   
DA  "C5'" "H5''" sing N N 10  
DA  "C4'" "O4'"  sing N N 11  
DA  "C4'" "C3'"  sing N N 12  
DA  "C4'" "H4'"  sing N N 13  
DA  "O4'" "C1'"  sing N N 14  
DA  "C3'" "O3'"  sing N N 15  
DA  "C3'" "C2'"  sing N N 16  
DA  "C3'" "H3'"  sing N N 17  
DA  "O3'" "HO3'" sing N N 18  
DA  "C2'" "C1'"  sing N N 19  
DA  "C2'" "H2'"  sing N N 20  
DA  "C2'" "H2''" sing N N 21  
DA  "C1'" N9     sing N N 22  
DA  "C1'" "H1'"  sing N N 23  
DA  N9    C8     sing Y N 24  
DA  N9    C4     sing Y N 25  
DA  C8    N7     doub Y N 26  
DA  C8    H8     sing N N 27  
DA  N7    C5     sing Y N 28  
DA  C5    C6     sing Y N 29  
DA  C5    C4     doub Y N 30  
DA  C6    N6     sing N N 31  
DA  C6    N1     doub Y N 32  
DA  N6    H61    sing N N 33  
DA  N6    H62    sing N N 34  
DA  N1    C2     sing Y N 35  
DA  C2    N3     doub Y N 36  
DA  C2    H2     sing N N 37  
DA  N3    C4     sing Y N 38  
DC  OP3   P      sing N N 39  
DC  OP3   HOP3   sing N N 40  
DC  P     OP1    doub N N 41  
DC  P     OP2    sing N N 42  
DC  P     "O5'"  sing N N 43  
DC  OP2   HOP2   sing N N 44  
DC  "O5'" "C5'"  sing N N 45  
DC  "C5'" "C4'"  sing N N 46  
DC  "C5'" "H5'"  sing N N 47  
DC  "C5'" "H5''" sing N N 48  
DC  "C4'" "O4'"  sing N N 49  
DC  "C4'" "C3'"  sing N N 50  
DC  "C4'" "H4'"  sing N N 51  
DC  "O4'" "C1'"  sing N N 52  
DC  "C3'" "O3'"  sing N N 53  
DC  "C3'" "C2'"  sing N N 54  
DC  "C3'" "H3'"  sing N N 55  
DC  "O3'" "HO3'" sing N N 56  
DC  "C2'" "C1'"  sing N N 57  
DC  "C2'" "H2'"  sing N N 58  
DC  "C2'" "H2''" sing N N 59  
DC  "C1'" N1     sing N N 60  
DC  "C1'" "H1'"  sing N N 61  
DC  N1    C2     sing N N 62  
DC  N1    C6     sing N N 63  
DC  C2    O2     doub N N 64  
DC  C2    N3     sing N N 65  
DC  N3    C4     doub N N 66  
DC  C4    N4     sing N N 67  
DC  C4    C5     sing N N 68  
DC  N4    H41    sing N N 69  
DC  N4    H42    sing N N 70  
DC  C5    C6     doub N N 71  
DC  C5    H5     sing N N 72  
DC  C6    H6     sing N N 73  
DG  OP3   P      sing N N 74  
DG  OP3   HOP3   sing N N 75  
DG  P     OP1    doub N N 76  
DG  P     OP2    sing N N 77  
DG  P     "O5'"  sing N N 78  
DG  OP2   HOP2   sing N N 79  
DG  "O5'" "C5'"  sing N N 80  
DG  "C5'" "C4'"  sing N N 81  
DG  "C5'" "H5'"  sing N N 82  
DG  "C5'" "H5''" sing N N 83  
DG  "C4'" "O4'"  sing N N 84  
DG  "C4'" "C3'"  sing N N 85  
DG  "C4'" "H4'"  sing N N 86  
DG  "O4'" "C1'"  sing N N 87  
DG  "C3'" "O3'"  sing N N 88  
DG  "C3'" "C2'"  sing N N 89  
DG  "C3'" "H3'"  sing N N 90  
DG  "O3'" "HO3'" sing N N 91  
DG  "C2'" "C1'"  sing N N 92  
DG  "C2'" "H2'"  sing N N 93  
DG  "C2'" "H2''" sing N N 94  
DG  "C1'" N9     sing N N 95  
DG  "C1'" "H1'"  sing N N 96  
DG  N9    C8     sing Y N 97  
DG  N9    C4     sing Y N 98  
DG  C8    N7     doub Y N 99  
DG  C8    H8     sing N N 100 
DG  N7    C5     sing Y N 101 
DG  C5    C6     sing N N 102 
DG  C5    C4     doub Y N 103 
DG  C6    O6     doub N N 104 
DG  C6    N1     sing N N 105 
DG  N1    C2     sing N N 106 
DG  N1    H1     sing N N 107 
DG  C2    N2     sing N N 108 
DG  C2    N3     doub N N 109 
DG  N2    H21    sing N N 110 
DG  N2    H22    sing N N 111 
DG  N3    C4     sing N N 112 
DT  OP3   P      sing N N 113 
DT  OP3   HOP3   sing N N 114 
DT  P     OP1    doub N N 115 
DT  P     OP2    sing N N 116 
DT  P     "O5'"  sing N N 117 
DT  OP2   HOP2   sing N N 118 
DT  "O5'" "C5'"  sing N N 119 
DT  "C5'" "C4'"  sing N N 120 
DT  "C5'" "H5'"  sing N N 121 
DT  "C5'" "H5''" sing N N 122 
DT  "C4'" "O4'"  sing N N 123 
DT  "C4'" "C3'"  sing N N 124 
DT  "C4'" "H4'"  sing N N 125 
DT  "O4'" "C1'"  sing N N 126 
DT  "C3'" "O3'"  sing N N 127 
DT  "C3'" "C2'"  sing N N 128 
DT  "C3'" "H3'"  sing N N 129 
DT  "O3'" "HO3'" sing N N 130 
DT  "C2'" "C1'"  sing N N 131 
DT  "C2'" "H2'"  sing N N 132 
DT  "C2'" "H2''" sing N N 133 
DT  "C1'" N1     sing N N 134 
DT  "C1'" "H1'"  sing N N 135 
DT  N1    C2     sing N N 136 
DT  N1    C6     sing N N 137 
DT  C2    O2     doub N N 138 
DT  C2    N3     sing N N 139 
DT  N3    C4     sing N N 140 
DT  N3    H3     sing N N 141 
DT  C4    O4     doub N N 142 
DT  C4    C5     sing N N 143 
DT  C5    C7     sing N N 144 
DT  C5    C6     doub N N 145 
DT  C7    H71    sing N N 146 
DT  C7    H72    sing N N 147 
DT  C7    H73    sing N N 148 
DT  C6    H6     sing N N 149 
HOH O     H1     sing N N 150 
HOH O     H2     sing N N 151 
HT1 C1    O1     sing N N 152 
HT1 C1    C2     doub Y N 153 
HT1 C1    C6     sing Y N 154 
HT1 O1    C26    sing N N 155 
HT1 C2    C3     sing Y N 156 
HT1 C2    H2     sing N N 157 
HT1 C3    C4     doub Y N 158 
HT1 C3    H3     sing N N 159 
HT1 C4    C5     sing Y N 160 
HT1 C4    C7     sing Y N 161 
HT1 C5    C6     doub Y N 162 
HT1 C5    H5     sing N N 163 
HT1 C6    H6     sing N N 164 
HT1 C7    N1     sing Y N 165 
HT1 C7    N2     doub Y N 166 
HT1 N1    C8     sing Y N 167 
HT1 N1    HN1    sing N N 168 
HT1 C8    C9     doub Y N 169 
HT1 C8    C13    sing Y N 170 
HT1 C9    N2     sing Y N 171 
HT1 C9    C10    sing Y N 172 
HT1 C10   C11    doub Y N 173 
HT1 C10   H10    sing N N 174 
HT1 C11   C12    sing Y N 175 
HT1 C11   H11    sing N N 176 
HT1 C12   C13    doub Y N 177 
HT1 C12   C14    sing Y N 178 
HT1 C13   H13    sing N N 179 
HT1 C14   N3     sing Y N 180 
HT1 C14   N4     doub Y N 181 
HT1 N3    C15    sing Y N 182 
HT1 N3    HN3    sing N N 183 
HT1 C15   C16    doub Y N 184 
HT1 C15   C20    sing Y N 185 
HT1 C16   N4     sing Y N 186 
HT1 C16   C17    sing Y N 187 
HT1 C17   C18    doub Y N 188 
HT1 C17   H17    sing N N 189 
HT1 C18   C19    sing Y N 190 
HT1 C18   H18    sing N N 191 
HT1 C19   C20    doub Y N 192 
HT1 C19   N5     sing N N 193 
HT1 C20   H20    sing N N 194 
HT1 N5    C21    sing N N 195 
HT1 N5    C24    sing N N 196 
HT1 C21   C22    sing N N 197 
HT1 C21   H211   sing N N 198 
HT1 C21   H212   sing N N 199 
HT1 C22   N6     sing N N 200 
HT1 C22   H221   sing N N 201 
HT1 C22   H222   sing N N 202 
HT1 N6    C23    sing N N 203 
HT1 N6    C25    sing N N 204 
HT1 C23   C24    sing N N 205 
HT1 C23   H231   sing N N 206 
HT1 C23   H232   sing N N 207 
HT1 C24   H241   sing N N 208 
HT1 C24   H242   sing N N 209 
HT1 C25   H251   sing N N 210 
HT1 C25   H252   sing N N 211 
HT1 C25   H253   sing N N 212 
HT1 C26   C27    sing N N 213 
HT1 C26   H261   sing N N 214 
HT1 C26   H262   sing N N 215 
HT1 C27   H271   sing N N 216 
HT1 C27   H272   sing N N 217 
HT1 C27   H273   sing N N 218 
# 
loop_
_ndb_struct_conf_na.entry_id 
_ndb_struct_conf_na.feature 
129D 'double helix'        
129D 'b-form double helix' 
# 
loop_
_ndb_struct_na_base_pair.model_number 
_ndb_struct_na_base_pair.i_label_asym_id 
_ndb_struct_na_base_pair.i_label_comp_id 
_ndb_struct_na_base_pair.i_label_seq_id 
_ndb_struct_na_base_pair.i_symmetry 
_ndb_struct_na_base_pair.j_label_asym_id 
_ndb_struct_na_base_pair.j_label_comp_id 
_ndb_struct_na_base_pair.j_label_seq_id 
_ndb_struct_na_base_pair.j_symmetry 
_ndb_struct_na_base_pair.shear 
_ndb_struct_na_base_pair.stretch 
_ndb_struct_na_base_pair.stagger 
_ndb_struct_na_base_pair.buckle 
_ndb_struct_na_base_pair.propeller 
_ndb_struct_na_base_pair.opening 
_ndb_struct_na_base_pair.pair_number 
_ndb_struct_na_base_pair.pair_name 
_ndb_struct_na_base_pair.i_auth_asym_id 
_ndb_struct_na_base_pair.i_auth_seq_id 
_ndb_struct_na_base_pair.i_PDB_ins_code 
_ndb_struct_na_base_pair.j_auth_asym_id 
_ndb_struct_na_base_pair.j_auth_seq_id 
_ndb_struct_na_base_pair.j_PDB_ins_code 
_ndb_struct_na_base_pair.hbond_type_28 
_ndb_struct_na_base_pair.hbond_type_12 
1 A DC 1  1_555 B DG 12 1_555 -0.262 -0.392 0.162  11.762  -13.512 -7.424 1  A_DC1:DG24_B  A 1  ? B 24 ? 19 1 
1 A DG 2  1_555 B DC 11 1_555 -0.173 -0.280 -0.135 3.625   -16.526 -2.210 2  A_DG2:DC23_B  A 2  ? B 23 ? 19 1 
1 A DC 3  1_555 B DG 10 1_555 -0.265 -0.170 0.120  -5.080  -5.607  -1.001 3  A_DC3:DG22_B  A 3  ? B 22 ? 19 1 
1 A DG 4  1_555 B DC 9  1_555 -0.181 -0.240 0.114  18.745  -1.915  -2.751 4  A_DG4:DC21_B  A 4  ? B 21 ? 19 1 
1 A DA 5  1_555 B DT 8  1_555 -0.120 -0.255 0.106  7.343   -10.018 5.757  5  A_DA5:DT20_B  A 5  ? B 20 ? 20 1 
1 A DA 6  1_555 B DT 7  1_555 0.475  -0.216 -0.213 2.752   -23.993 -3.881 6  A_DA6:DT19_B  A 6  ? B 19 ? 20 1 
1 A DT 7  1_555 B DA 6  1_555 0.095  -0.107 -0.125 4.524   -13.099 1.205  7  A_DT7:DA18_B  A 7  ? B 18 ? 20 1 
1 A DT 8  1_555 B DA 5  1_555 -0.161 -0.368 -0.301 -1.673  -7.396  1.928  8  A_DT8:DA17_B  A 8  ? B 17 ? 20 1 
1 A DC 9  1_555 B DG 4  1_555 -0.280 -0.254 0.649  -20.546 -13.782 -5.740 9  A_DC9:DG16_B  A 9  ? B 16 ? 19 1 
1 A DG 10 1_555 B DC 3  1_555 0.568  -0.288 0.921  14.866  -1.097  -3.374 10 A_DG10:DC15_B A 10 ? B 15 ? 19 1 
1 A DC 11 1_555 B DG 2  1_555 -0.035 -0.171 0.447  -2.492  -12.634 -4.024 11 A_DC11:DG14_B A 11 ? B 14 ? 19 1 
1 A DG 12 1_555 B DC 1  1_555 0.068  -0.214 0.042  -0.257  -0.953  -3.434 12 A_DG12:DC13_B A 12 ? B 13 ? 19 1 
# 
loop_
_ndb_struct_na_base_pair_step.model_number 
_ndb_struct_na_base_pair_step.i_label_asym_id_1 
_ndb_struct_na_base_pair_step.i_label_comp_id_1 
_ndb_struct_na_base_pair_step.i_label_seq_id_1 
_ndb_struct_na_base_pair_step.i_symmetry_1 
_ndb_struct_na_base_pair_step.j_label_asym_id_1 
_ndb_struct_na_base_pair_step.j_label_comp_id_1 
_ndb_struct_na_base_pair_step.j_label_seq_id_1 
_ndb_struct_na_base_pair_step.j_symmetry_1 
_ndb_struct_na_base_pair_step.i_label_asym_id_2 
_ndb_struct_na_base_pair_step.i_label_comp_id_2 
_ndb_struct_na_base_pair_step.i_label_seq_id_2 
_ndb_struct_na_base_pair_step.i_symmetry_2 
_ndb_struct_na_base_pair_step.j_label_asym_id_2 
_ndb_struct_na_base_pair_step.j_label_comp_id_2 
_ndb_struct_na_base_pair_step.j_label_seq_id_2 
_ndb_struct_na_base_pair_step.j_symmetry_2 
_ndb_struct_na_base_pair_step.shift 
_ndb_struct_na_base_pair_step.slide 
_ndb_struct_na_base_pair_step.rise 
_ndb_struct_na_base_pair_step.tilt 
_ndb_struct_na_base_pair_step.roll 
_ndb_struct_na_base_pair_step.twist 
_ndb_struct_na_base_pair_step.x_displacement 
_ndb_struct_na_base_pair_step.y_displacement 
_ndb_struct_na_base_pair_step.helical_rise 
_ndb_struct_na_base_pair_step.inclination 
_ndb_struct_na_base_pair_step.tip 
_ndb_struct_na_base_pair_step.helical_twist 
_ndb_struct_na_base_pair_step.step_number 
_ndb_struct_na_base_pair_step.step_name 
_ndb_struct_na_base_pair_step.i_auth_asym_id_1 
_ndb_struct_na_base_pair_step.i_auth_seq_id_1 
_ndb_struct_na_base_pair_step.i_PDB_ins_code_1 
_ndb_struct_na_base_pair_step.j_auth_asym_id_1 
_ndb_struct_na_base_pair_step.j_auth_seq_id_1 
_ndb_struct_na_base_pair_step.j_PDB_ins_code_1 
_ndb_struct_na_base_pair_step.i_auth_asym_id_2 
_ndb_struct_na_base_pair_step.i_auth_seq_id_2 
_ndb_struct_na_base_pair_step.i_PDB_ins_code_2 
_ndb_struct_na_base_pair_step.j_auth_asym_id_2 
_ndb_struct_na_base_pair_step.j_auth_seq_id_2 
_ndb_struct_na_base_pair_step.j_PDB_ins_code_2 
1 A DC 1  1_555 B DG 12 1_555 A DG 2  1_555 B DC 11 1_555 -0.114 0.239  3.715 3.127  8.903  38.120 -0.860 0.597  3.657 13.382  
-4.701 39.228 1  AA_DC1DG2:DC23DG24_BB   A 1  ? B 24 ? A 2  ? B 23 ? 
1 A DG 2  1_555 B DC 11 1_555 A DC 3  1_555 B DG 10 1_555 0.594  0.344  3.677 -2.259 -6.771 36.513 1.540  -1.265 3.518 -10.681 
3.564  37.181 2  AA_DG2DC3:DG22DC23_BB   A 2  ? B 23 ? A 3  ? B 22 ? 
1 A DC 3  1_555 B DG 10 1_555 A DG 4  1_555 B DC 9  1_555 -0.131 0.719  2.943 0.926  6.126  27.929 0.173  0.458  3.023 12.498  
-1.889 28.594 3  AA_DC3DG4:DC21DG22_BB   A 3  ? B 22 ? A 4  ? B 21 ? 
1 A DG 4  1_555 B DC 9  1_555 A DA 5  1_555 B DT 8  1_555 -0.087 -0.191 3.603 -1.933 0.547  39.254 -0.356 -0.124 3.600 0.814   
2.874  39.304 4  AA_DG4DA5:DT20DC21_BB   A 4  ? B 21 ? A 5  ? B 20 ? 
1 A DA 5  1_555 B DT 8  1_555 A DA 6  1_555 B DT 7  1_555 -0.185 0.416  3.326 5.818  0.390  43.578 0.518  0.806  3.280 0.522   
-7.795 43.948 5  AA_DA5DA6:DT19DT20_BB   A 5  ? B 20 ? A 6  ? B 19 ? 
1 A DA 6  1_555 B DT 7  1_555 A DT 7  1_555 B DA 6  1_555 0.285  -0.656 3.156 -0.963 2.594  30.535 -1.729 -0.720 3.081 4.913   
1.824  30.657 6  AA_DA6DT7:DA18DT19_BB   A 6  ? B 19 ? A 7  ? B 18 ? 
1 A DT 7  1_555 B DA 6  1_555 A DT 8  1_555 B DA 5  1_555 -0.386 -0.454 3.532 0.722  3.218  30.297 -1.552 0.888  3.456 6.134   
-1.376 30.472 7  AA_DT7DT8:DA17DA18_BB   A 7  ? B 18 ? A 8  ? B 17 ? 
1 A DT 8  1_555 B DA 5  1_555 A DC 9  1_555 B DG 4  1_555 -0.268 0.215  3.784 -7.062 -1.479 41.636 0.475  -0.470 3.768 -2.063  
9.845  42.229 8  AA_DT8DC9:DG16DA17_BB   A 8  ? B 17 ? A 9  ? B 16 ? 
1 A DC 9  1_555 B DG 4  1_555 A DG 10 1_555 B DC 3  1_555 0.587  0.473  2.682 -3.244 -2.594 35.506 1.073  -1.335 2.581 -4.236  
5.297  35.740 9  AA_DC9DG10:DC15DG16_BB  A 9  ? B 16 ? A 10 ? B 15 ? 
1 A DG 10 1_555 B DC 3  1_555 A DC 11 1_555 B DG 2  1_555 -1.239 0.277  3.910 1.924  -9.881 35.254 2.038  2.283  3.634 -15.917 
-3.099 36.619 10 AA_DG10DC11:DG14DC15_BB A 10 ? B 15 ? A 11 ? B 14 ? 
1 A DC 11 1_555 B DG 2  1_555 A DG 12 1_555 B DC 1  1_555 0.271  0.629  3.474 2.257  3.357  37.667 0.508  -0.107 3.525 5.181   
-3.483 37.876 11 AA_DC11DG12:DC13DG14_BB A 11 ? B 14 ? A 12 ? B 13 ? 
# 
_atom_sites.entry_id                    129D 
_atom_sites.fract_transf_matrix[1][1]   0.01121443 
_atom_sites.fract_transf_matrix[1][2]   -0.03418685 
_atom_sites.fract_transf_matrix[1][3]   0.01487267 
_atom_sites.fract_transf_matrix[2][1]   -0.01480152 
_atom_sites.fract_transf_matrix[2][2]   0.00342422 
_atom_sites.fract_transf_matrix[2][3]   0.01903181 
_atom_sites.fract_transf_matrix[3][1]   -0.01114205 
_atom_sites.fract_transf_matrix[3][2]   -0.00688581 
_atom_sites.fract_transf_matrix[3][3]   -0.00742655 
_atom_sites.fract_transf_vector[1]      0.571355 
_atom_sites.fract_transf_vector[2]      0.515959 
_atom_sites.fract_transf_vector[3]      0.127311 
# 
loop_
_atom_type.symbol 
C 
N 
O 
P 
# 
loop_
_atom_site.group_PDB 
_atom_site.id 
_atom_site.type_symbol 
_atom_site.label_atom_id 
_atom_site.label_alt_id 
_atom_site.label_comp_id 
_atom_site.label_asym_id 
_atom_site.label_entity_id 
_atom_site.label_seq_id 
_atom_site.pdbx_PDB_ins_code 
_atom_site.Cartn_x 
_atom_site.Cartn_y 
_atom_site.Cartn_z 
_atom_site.occupancy 
_atom_site.B_iso_or_equiv 
_atom_site.pdbx_formal_charge 
_atom_site.auth_seq_id 
_atom_site.auth_comp_id 
_atom_site.auth_asym_id 
_atom_site.auth_atom_id 
_atom_site.pdbx_PDB_model_num 
ATOM   1   O "O5'" . DC  A 1 1  ? -18.530 -7.487  2.629   1.00 20.62 ? 1  DC  A "O5'" 1 
ATOM   2   C "C5'" . DC  A 1 1  ? -17.140 -7.677  3.034   1.00 19.58 ? 1  DC  A "C5'" 1 
ATOM   3   C "C4'" . DC  A 1 1  ? -17.069 -9.140  3.463   1.00 19.68 ? 1  DC  A "C4'" 1 
ATOM   4   O "O4'" . DC  A 1 1  ? -17.510 -9.985  2.378   1.00 19.37 ? 1  DC  A "O4'" 1 
ATOM   5   C "C3'" . DC  A 1 1  ? -15.680 -9.660  3.733   1.00 19.38 ? 1  DC  A "C3'" 1 
ATOM   6   O "O3'" . DC  A 1 1  ? -15.614 -10.979 4.290   1.00 19.50 ? 1  DC  A "O3'" 1 
ATOM   7   C "C2'" . DC  A 1 1  ? -15.136 -9.678  2.315   1.00 19.19 ? 1  DC  A "C2'" 1 
ATOM   8   C "C1'" . DC  A 1 1  ? -16.343 -10.230 1.581   1.00 19.13 ? 1  DC  A "C1'" 1 
ATOM   9   N N1    . DC  A 1 1  ? -16.417 -9.493  0.308   1.00 18.46 ? 1  DC  A N1    1 
ATOM   10  C C2    . DC  A 1 1  ? -16.037 -10.178 -0.824  1.00 18.24 ? 1  DC  A C2    1 
ATOM   11  O O2    . DC  A 1 1  ? -15.675 -11.356 -0.760  1.00 17.99 ? 1  DC  A O2    1 
ATOM   12  N N3    . DC  A 1 1  ? -16.109 -9.482  -1.982  1.00 18.10 ? 1  DC  A N3    1 
ATOM   13  C C4    . DC  A 1 1  ? -16.545 -8.209  -2.035  1.00 18.42 ? 1  DC  A C4    1 
ATOM   14  N N4    . DC  A 1 1  ? -16.631 -7.548  -3.194  1.00 18.63 ? 1  DC  A N4    1 
ATOM   15  C C5    . DC  A 1 1  ? -16.925 -7.513  -0.847  1.00 18.39 ? 1  DC  A C5    1 
ATOM   16  C C6    . DC  A 1 1  ? -16.829 -8.210  0.288   1.00 18.35 ? 1  DC  A C6    1 
ATOM   17  P P     . DG  A 1 2  ? -14.324 -11.370 5.142   1.00 22.51 ? 2  DG  A P     1 
ATOM   18  O OP1   . DG  A 1 2  ? -14.655 -12.107 6.415   1.00 23.04 ? 2  DG  A OP1   1 
ATOM   19  O OP2   . DG  A 1 2  ? -13.718 -10.015 5.428   1.00 20.48 ? 2  DG  A OP2   1 
ATOM   20  O "O5'" . DG  A 1 2  ? -13.456 -12.286 4.191   1.00 17.39 ? 2  DG  A "O5'" 1 
ATOM   21  C "C5'" . DG  A 1 2  ? -13.250 -11.914 2.797   1.00 16.08 ? 2  DG  A "C5'" 1 
ATOM   22  C "C4'" . DG  A 1 2  ? -12.171 -12.894 2.356   1.00 15.68 ? 2  DG  A "C4'" 1 
ATOM   23  O "O4'" . DG  A 1 2  ? -11.869 -12.625 0.993   1.00 15.49 ? 2  DG  A "O4'" 1 
ATOM   24  C "C3'" . DG  A 1 2  ? -10.808 -12.700 2.998   1.00 15.59 ? 2  DG  A "C3'" 1 
ATOM   25  O "O3'" . DG  A 1 2  ? -9.808  -13.593 2.597   1.00 15.48 ? 2  DG  A "O3'" 1 
ATOM   26  C "C2'" . DG  A 1 2  ? -10.535 -11.272 2.424   1.00 15.51 ? 2  DG  A "C2'" 1 
ATOM   27  C "C1'" . DG  A 1 2  ? -11.014 -11.489 0.986   1.00 15.02 ? 2  DG  A "C1'" 1 
ATOM   28  N N9    . DG  A 1 2  ? -11.710 -10.295 0.519   1.00 14.63 ? 2  DG  A N9    1 
ATOM   29  C C8    . DG  A 1 2  ? -12.285 -9.282  1.224   1.00 14.59 ? 2  DG  A C8    1 
ATOM   30  N N7    . DG  A 1 2  ? -12.753 -8.298  0.489   1.00 14.30 ? 2  DG  A N7    1 
ATOM   31  C C5    . DG  A 1 2  ? -12.489 -8.739  -0.803  1.00 14.31 ? 2  DG  A C5    1 
ATOM   32  C C6    . DG  A 1 2  ? -12.765 -8.131  -2.058  1.00 14.41 ? 2  DG  A C6    1 
ATOM   33  O O6    . DG  A 1 2  ? -13.376 -7.046  -2.160  1.00 14.85 ? 2  DG  A O6    1 
ATOM   34  N N1    . DG  A 1 2  ? -12.313 -8.827  -3.141  1.00 14.41 ? 2  DG  A N1    1 
ATOM   35  C C2    . DG  A 1 2  ? -11.665 -10.015 -3.012  1.00 14.51 ? 2  DG  A C2    1 
ATOM   36  N N2    . DG  A 1 2  ? -11.274 -10.607 -4.167  1.00 14.61 ? 2  DG  A N2    1 
ATOM   37  N N3    . DG  A 1 2  ? -11.394 -10.656 -1.867  1.00 14.49 ? 2  DG  A N3    1 
ATOM   38  C C4    . DG  A 1 2  ? -11.849 -9.944  -0.808  1.00 14.44 ? 2  DG  A C4    1 
ATOM   39  P P     . DC  A 1 3  ? -8.295  -13.578 3.167   1.00 18.37 ? 3  DC  A P     1 
ATOM   40  O OP1   . DC  A 1 3  ? -7.986  -14.883 3.847   1.00 11.83 ? 3  DC  A OP1   1 
ATOM   41  O OP2   . DC  A 1 3  ? -8.387  -12.449 4.169   1.00 13.49 ? 3  DC  A OP2   1 
ATOM   42  O "O5'" . DC  A 1 3  ? -7.386  -13.297 1.948   1.00 14.16 ? 3  DC  A "O5'" 1 
ATOM   43  C "C5'" . DC  A 1 3  ? -7.228  -14.115 0.772   1.00 13.69 ? 3  DC  A "C5'" 1 
ATOM   44  C "C4'" . DC  A 1 3  ? -6.813  -13.147 -0.303  1.00 13.65 ? 3  DC  A "C4'" 1 
ATOM   45  O "O4'" . DC  A 1 3  ? -7.844  -12.152 -0.407  1.00 13.36 ? 3  DC  A "O4'" 1 
ATOM   46  C "C3'" . DC  A 1 3  ? -5.629  -12.218 -0.034  1.00 13.91 ? 3  DC  A "C3'" 1 
ATOM   47  O "O3'" . DC  A 1 3  ? -4.378  -12.833 0.048   1.00 14.56 ? 3  DC  A "O3'" 1 
ATOM   48  C "C2'" . DC  A 1 3  ? -5.880  -11.209 -1.198  1.00 13.69 ? 3  DC  A "C2'" 1 
ATOM   49  C "C1'" . DC  A 1 3  ? -7.368  -11.113 -1.275  1.00 13.00 ? 3  DC  A "C1'" 1 
ATOM   50  N N1    . DC  A 1 3  ? -7.950  -9.843  -0.826  1.00 12.81 ? 3  DC  A N1    1 
ATOM   51  C C2    . DC  A 1 3  ? -8.338  -8.952  -1.813  1.00 13.05 ? 3  DC  A C2    1 
ATOM   52  O O2    . DC  A 1 3  ? -8.128  -9.207  -3.008  1.00 13.70 ? 3  DC  A O2    1 
ATOM   53  N N3    . DC  A 1 3  ? -8.898  -7.750  -1.452  1.00 12.62 ? 3  DC  A N3    1 
ATOM   54  C C4    . DC  A 1 3  ? -9.142  -7.455  -0.149  1.00 12.36 ? 3  DC  A C4    1 
ATOM   55  N N4    . DC  A 1 3  ? -9.710  -6.292  0.124   1.00 12.18 ? 3  DC  A N4    1 
ATOM   56  C C5    . DC  A 1 3  ? -8.783  -8.383  0.860   1.00 12.31 ? 3  DC  A C5    1 
ATOM   57  C C6    . DC  A 1 3  ? -8.222  -9.536  0.468   1.00 12.63 ? 3  DC  A C6    1 
ATOM   58  P P     . DG  A 1 4  ? -3.272  -13.121 -1.049  1.00 20.94 ? 4  DG  A P     1 
ATOM   59  O OP1   . DG  A 1 4  ? -2.953  -14.546 -1.285  1.00 18.11 ? 4  DG  A OP1   1 
ATOM   60  O OP2   . DG  A 1 4  ? -2.103  -12.345 -0.478  1.00 18.15 ? 4  DG  A OP2   1 
ATOM   61  O "O5'" . DG  A 1 4  ? -3.833  -12.491 -2.407  1.00 16.78 ? 4  DG  A "O5'" 1 
ATOM   62  C "C5'" . DG  A 1 4  ? -3.129  -12.617 -3.629  1.00 16.27 ? 4  DG  A "C5'" 1 
ATOM   63  C "C4'" . DG  A 1 4  ? -2.824  -11.247 -4.200  1.00 16.20 ? 4  DG  A "C4'" 1 
ATOM   64  O "O4'" . DG  A 1 4  ? -3.735  -10.219 -3.827  1.00 15.97 ? 4  DG  A "O4'" 1 
ATOM   65  C "C3'" . DG  A 1 4  ? -1.439  -10.721 -3.774  1.00 16.30 ? 4  DG  A "C3'" 1 
ATOM   66  O "O3'" . DG  A 1 4  ? -0.817  -9.931  -4.741  1.00 16.20 ? 4  DG  A "O3'" 1 
ATOM   67  C "C2'" . DG  A 1 4  ? -1.854  -9.901  -2.511  1.00 15.86 ? 4  DG  A "C2'" 1 
ATOM   68  C "C1'" . DG  A 1 4  ? -2.984  -9.135  -3.197  1.00 15.23 ? 4  DG  A "C1'" 1 
ATOM   69  N N9    . DG  A 1 4  ? -3.767  -8.392  -2.241  1.00 14.92 ? 4  DG  A N9    1 
ATOM   70  C C8    . DG  A 1 4  ? -3.842  -8.564  -0.878  1.00 14.74 ? 4  DG  A C8    1 
ATOM   71  N N7    . DG  A 1 4  ? -4.657  -7.757  -0.269  1.00 14.53 ? 4  DG  A N7    1 
ATOM   72  C C5    . DG  A 1 4  ? -5.180  -6.992  -1.323  1.00 14.49 ? 4  DG  A C5    1 
ATOM   73  C C6    . DG  A 1 4  ? -6.122  -5.928  -1.301  1.00 14.54 ? 4  DG  A C6    1 
ATOM   74  O O6    . DG  A 1 4  ? -6.679  -5.503  -0.267  1.00 14.52 ? 4  DG  A O6    1 
ATOM   75  N N1    . DG  A 1 4  ? -6.368  -5.370  -2.528  1.00 14.36 ? 4  DG  A N1    1 
ATOM   76  C C2    . DG  A 1 4  ? -5.783  -5.838  -3.671  1.00 14.35 ? 4  DG  A C2    1 
ATOM   77  N N2    . DG  A 1 4  ? -6.131  -5.185  -4.790  1.00 14.36 ? 4  DG  A N2    1 
ATOM   78  N N3    . DG  A 1 4  ? -4.906  -6.843  -3.758  1.00 14.34 ? 4  DG  A N3    1 
ATOM   79  C C4    . DG  A 1 4  ? -4.659  -7.367  -2.526  1.00 14.60 ? 4  DG  A C4    1 
ATOM   80  P P     . DA  A 1 5  ? 0.406   -10.236 -5.632  1.00 21.48 ? 5  DA  A P     1 
ATOM   81  O OP1   . DA  A 1 5  ? 0.955   -11.592 -5.671  1.00 20.30 ? 5  DA  A OP1   1 
ATOM   82  O OP2   . DA  A 1 5  ? 1.532   -9.331  -5.051  1.00 20.04 ? 5  DA  A OP2   1 
ATOM   83  O "O5'" . DA  A 1 5  ? -0.060  -9.515  -7.029  1.00 17.08 ? 5  DA  A "O5'" 1 
ATOM   84  C "C5'" . DA  A 1 5  ? 0.274   -8.101  -6.971  1.00 16.52 ? 5  DA  A "C5'" 1 
ATOM   85  C "C4'" . DA  A 1 5  ? -0.745  -7.092  -7.387  1.00 16.12 ? 5  DA  A "C4'" 1 
ATOM   86  O "O4'" . DA  A 1 5  ? -1.598  -6.716  -6.389  1.00 16.04 ? 5  DA  A "O4'" 1 
ATOM   87  C "C3'" . DA  A 1 5  ? -0.017  -5.782  -7.740  1.00 16.08 ? 5  DA  A "C3'" 1 
ATOM   88  O "O3'" . DA  A 1 5  ? -0.035  -5.583  -9.193  1.00 16.62 ? 5  DA  A "O3'" 1 
ATOM   89  C "C2'" . DA  A 1 5  ? -0.646  -4.686  -6.966  1.00 15.66 ? 5  DA  A "C2'" 1 
ATOM   90  C "C1'" . DA  A 1 5  ? -1.706  -5.219  -6.201  1.00 15.33 ? 5  DA  A "C1'" 1 
ATOM   91  N N9    . DA  A 1 5  ? -1.795  -5.093  -4.743  1.00 14.99 ? 5  DA  A N9    1 
ATOM   92  C C8    . DA  A 1 5  ? -1.324  -6.032  -3.840  1.00 15.02 ? 5  DA  A C8    1 
ATOM   93  N N7    . DA  A 1 5  ? -1.660  -5.789  -2.591  1.00 15.15 ? 5  DA  A N7    1 
ATOM   94  C C5    . DA  A 1 5  ? -2.482  -4.665  -2.696  1.00 14.96 ? 5  DA  A C5    1 
ATOM   95  C C6    . DA  A 1 5  ? -3.169  -3.926  -1.703  1.00 15.01 ? 5  DA  A C6    1 
ATOM   96  N N6    . DA  A 1 5  ? -3.126  -4.202  -0.407  1.00 14.95 ? 5  DA  A N6    1 
ATOM   97  N N1    . DA  A 1 5  ? -3.863  -2.844  -2.164  1.00 14.94 ? 5  DA  A N1    1 
ATOM   98  C C2    . DA  A 1 5  ? -3.893  -2.521  -3.496  1.00 15.02 ? 5  DA  A C2    1 
ATOM   99  N N3    . DA  A 1 5  ? -3.268  -3.191  -4.471  1.00 14.86 ? 5  DA  A N3    1 
ATOM   100 C C4    . DA  A 1 5  ? -2.590  -4.255  -4.005  1.00 14.94 ? 5  DA  A C4    1 
ATOM   101 P P     . DA  A 1 6  ? 1.061   -4.408  -9.570  1.00 20.95 ? 6  DA  A P     1 
ATOM   102 O OP1   . DA  A 1 6  ? 1.300   -4.267  -10.987 1.00 20.91 ? 6  DA  A OP1   1 
ATOM   103 O OP2   . DA  A 1 6  ? 2.228   -4.943  -8.762  1.00 19.09 ? 6  DA  A OP2   1 
ATOM   104 O "O5'" . DA  A 1 6  ? 0.297   -3.132  -8.960  1.00 14.31 ? 6  DA  A "O5'" 1 
ATOM   105 C "C5'" . DA  A 1 6  ? -0.610  -2.372  -9.797  1.00 13.00 ? 6  DA  A "C5'" 1 
ATOM   106 C "C4'" . DA  A 1 6  ? -1.072  -1.227  -8.913  1.00 12.74 ? 6  DA  A "C4'" 1 
ATOM   107 O "O4'" . DA  A 1 6  ? -1.214  -1.565  -7.581  1.00 11.96 ? 6  DA  A "O4'" 1 
ATOM   108 C "C3'" . DA  A 1 6  ? -0.020  -0.054  -8.967  1.00 12.75 ? 6  DA  A "C3'" 1 
ATOM   109 O "O3'" . DA  A 1 6  ? -0.697  1.144   -9.225  1.00 13.65 ? 6  DA  A "O3'" 1 
ATOM   110 C "C2'" . DA  A 1 6  ? 0.678   -0.190  -7.627  1.00 12.10 ? 6  DA  A "C2'" 1 
ATOM   111 C "C1'" . DA  A 1 6  ? -0.449  -0.586  -6.726  1.00 11.44 ? 6  DA  A "C1'" 1 
ATOM   112 N N9    . DA  A 1 6  ? -0.051  -1.211  -5.478  1.00 10.28 ? 6  DA  A N9    1 
ATOM   113 C C8    . DA  A 1 6  ? 0.892   -2.173  -5.329  1.00 10.08 ? 6  DA  A C8    1 
ATOM   114 N N7    . DA  A 1 6  ? 1.000   -2.648  -4.093  1.00 10.03 ? 6  DA  A N7    1 
ATOM   115 C C5    . DA  A 1 6  ? 0.047   -1.948  -3.394  1.00 9.64  ? 6  DA  A C5    1 
ATOM   116 C C6    . DA  A 1 6  ? -0.315  -1.998  -2.037  1.00 9.69  ? 6  DA  A C6    1 
ATOM   117 N N6    . DA  A 1 6  ? 0.285   -2.819  -1.166  1.00 9.85  ? 6  DA  A N6    1 
ATOM   118 N N1    . DA  A 1 6  ? -1.287  -1.143  -1.654  1.00 9.09  ? 6  DA  A N1    1 
ATOM   119 C C2    . DA  A 1 6  ? -1.867  -0.313  -2.550  1.00 9.55  ? 6  DA  A C2    1 
ATOM   120 N N3    . DA  A 1 6  ? -1.587  -0.220  -3.850  1.00 9.68  ? 6  DA  A N3    1 
ATOM   121 C C4    . DA  A 1 6  ? -0.608  -1.057  -4.221  1.00 10.06 ? 6  DA  A C4    1 
ATOM   122 P P     . DT  A 1 7  ? -0.020  2.619   -9.264  1.00 17.35 ? 7  DT  A P     1 
ATOM   123 O OP1   . DT  A 1 7  ? 0.101   3.229   -10.551 1.00 15.76 ? 7  DT  A OP1   1 
ATOM   124 O OP2   . DT  A 1 7  ? 1.264   2.365   -8.531  1.00 16.03 ? 7  DT  A OP2   1 
ATOM   125 O "O5'" . DT  A 1 7  ? -1.126  3.359   -8.277  1.00 10.98 ? 7  DT  A "O5'" 1 
ATOM   126 C "C5'" . DT  A 1 7  ? -0.849  2.784   -6.922  1.00 10.31 ? 7  DT  A "C5'" 1 
ATOM   127 C "C4'" . DT  A 1 7  ? -1.063  3.804   -5.890  1.00 10.02 ? 7  DT  A "C4'" 1 
ATOM   128 O "O4'" . DT  A 1 7  ? -0.819  3.151   -4.628  1.00 9.79  ? 7  DT  A "O4'" 1 
ATOM   129 C "C3'" . DT  A 1 7  ? -0.176  5.022   -5.831  1.00 9.97  ? 7  DT  A "C3'" 1 
ATOM   130 O "O3'" . DT  A 1 7  ? -0.900  6.118   -5.224  1.00 9.88  ? 7  DT  A "O3'" 1 
ATOM   131 C "C2'" . DT  A 1 7  ? 1.001   4.552   -4.993  1.00 9.81  ? 7  DT  A "C2'" 1 
ATOM   132 C "C1'" . DT  A 1 7  ? 0.355   3.642   -4.002  1.00 9.56  ? 7  DT  A "C1'" 1 
ATOM   133 N N1    . DT  A 1 7  ? 1.131   2.472   -3.572  1.00 9.33  ? 7  DT  A N1    1 
ATOM   134 C C2    . DT  A 1 7  ? 0.866   2.077   -2.241  1.00 9.49  ? 7  DT  A C2    1 
ATOM   135 O O2    . DT  A 1 7  ? 0.113   2.740   -1.537  1.00 9.57  ? 7  DT  A O2    1 
ATOM   136 N N3    . DT  A 1 7  ? 1.517   0.974   -1.751  1.00 9.46  ? 7  DT  A N3    1 
ATOM   137 C C4    . DT  A 1 7  ? 2.379   0.249   -2.521  1.00 9.00  ? 7  DT  A C4    1 
ATOM   138 O O4    . DT  A 1 7  ? 2.928   -0.754  -1.983  1.00 9.38  ? 7  DT  A O4    1 
ATOM   139 C C5    . DT  A 1 7  ? 2.600   0.644   -3.850  1.00 9.20  ? 7  DT  A C5    1 
ATOM   140 C C7    . DT  A 1 7  ? 3.546   -0.116  -4.754  1.00 9.15  ? 7  DT  A C7    1 
ATOM   141 C C6    . DT  A 1 7  ? 1.942   1.732   -4.316  1.00 9.32  ? 7  DT  A C6    1 
ATOM   142 P P     . DT  A 1 8  ? -0.153  7.501   -5.029  1.00 11.51 ? 8  DT  A P     1 
ATOM   143 O OP1   . DT  A 1 8  ? -0.860  8.626   -5.669  1.00 10.29 ? 8  DT  A OP1   1 
ATOM   144 O OP2   . DT  A 1 8  ? 1.217   7.268   -5.481  1.00 11.81 ? 8  DT  A OP2   1 
ATOM   145 O "O5'" . DT  A 1 8  ? -0.174  7.677   -3.411  1.00 15.52 ? 8  DT  A "O5'" 1 
ATOM   146 C "C5'" . DT  A 1 8  ? -0.036  6.498   -2.603  1.00 16.15 ? 8  DT  A "C5'" 1 
ATOM   147 C "C4'" . DT  A 1 8  ? -0.237  7.059   -1.179  1.00 16.41 ? 8  DT  A "C4'" 1 
ATOM   148 O "O4'" . DT  A 1 8  ? 0.309   6.150   -0.254  1.00 16.45 ? 8  DT  A "O4'" 1 
ATOM   149 C "C3'" . DT  A 1 8  ? 0.519   8.347   -0.990  1.00 16.63 ? 8  DT  A "C3'" 1 
ATOM   150 O "O3'" . DT  A 1 8  ? 0.182   9.151   0.158   1.00 16.91 ? 8  DT  A "O3'" 1 
ATOM   151 C "C2'" . DT  A 1 8  ? 1.958   7.750   -0.898  1.00 16.68 ? 8  DT  A "C2'" 1 
ATOM   152 C "C1'" . DT  A 1 8  ? 1.722   6.552   -0.025  1.00 16.09 ? 8  DT  A "C1'" 1 
ATOM   153 N N1    . DT  A 1 8  ? 2.580   5.403   -0.329  1.00 15.73 ? 8  DT  A N1    1 
ATOM   154 C C2    . DT  A 1 8  ? 2.784   4.518   0.724   1.00 15.55 ? 8  DT  A C2    1 
ATOM   155 O O2    . DT  A 1 8  ? 2.306   4.733   1.848   1.00 15.75 ? 8  DT  A O2    1 
ATOM   156 N N3    . DT  A 1 8  ? 3.525   3.398   0.450   1.00 15.41 ? 8  DT  A N3    1 
ATOM   157 C C4    . DT  A 1 8  ? 4.072   3.127   -0.740  1.00 15.09 ? 8  DT  A C4    1 
ATOM   158 O O4    . DT  A 1 8  ? 4.771   2.073   -0.852  1.00 15.01 ? 8  DT  A O4    1 
ATOM   159 C C5    . DT  A 1 8  ? 3.855   4.055   -1.812  1.00 15.04 ? 8  DT  A C5    1 
ATOM   160 C C7    . DT  A 1 8  ? 4.449   3.794   -3.163  1.00 14.81 ? 8  DT  A C7    1 
ATOM   161 C C6    . DT  A 1 8  ? 3.104   5.124   -1.558  1.00 15.23 ? 8  DT  A C6    1 
ATOM   162 P P     . DC  A 1 9  ? 0.977   10.506  0.402   1.00 20.19 ? 9  DC  A P     1 
ATOM   163 O OP1   . DC  A 1 9  ? 0.129   11.713  0.623   1.00 19.44 ? 9  DC  A OP1   1 
ATOM   164 O OP2   . DC  A 1 9  ? 1.831   10.609  -0.828  1.00 20.06 ? 9  DC  A OP2   1 
ATOM   165 O "O5'" . DC  A 1 9  ? 1.818   10.200  1.740   1.00 16.70 ? 9  DC  A "O5'" 1 
ATOM   166 C "C5'" . DC  A 1 9  ? 0.996   10.345  2.920   1.00 16.09 ? 9  DC  A "C5'" 1 
ATOM   167 C "C4'" . DC  A 1 9  ? 1.473   9.298   3.874   1.00 16.34 ? 9  DC  A "C4'" 1 
ATOM   168 O "O4'" . DC  A 1 9  ? 2.041   8.173   3.325   1.00 15.79 ? 9  DC  A "O4'" 1 
ATOM   169 C "C3'" . DC  A 1 9  ? 2.558   9.901   4.824   1.00 16.50 ? 9  DC  A "C3'" 1 
ATOM   170 O "O3'" . DC  A 1 9  ? 1.888   10.054  6.078   1.00 17.60 ? 9  DC  A "O3'" 1 
ATOM   171 C "C2'" . DC  A 1 9  ? 3.656   8.905   4.827   1.00 16.15 ? 9  DC  A "C2'" 1 
ATOM   172 C "C1'" . DC  A 1 9  ? 3.109   7.693   4.188   1.00 15.00 ? 9  DC  A "C1'" 1 
ATOM   173 N N1    . DC  A 1 9  ? 4.114   7.128   3.285   1.00 14.32 ? 9  DC  A N1    1 
ATOM   174 C C2    . DC  A 1 9  ? 4.965   6.154   3.745   1.00 13.80 ? 9  DC  A C2    1 
ATOM   175 O O2    . DC  A 1 9  ? 4.840   5.769   4.909   1.00 13.39 ? 9  DC  A O2    1 
ATOM   176 N N3    . DC  A 1 9  ? 5.857   5.659   2.852   1.00 13.24 ? 9  DC  A N3    1 
ATOM   177 C C4    . DC  A 1 9  ? 5.935   6.114   1.574   1.00 13.31 ? 9  DC  A C4    1 
ATOM   178 N N4    . DC  A 1 9  ? 6.811   5.632   0.693   1.00 13.11 ? 9  DC  A N4    1 
ATOM   179 C C5    . DC  A 1 9  ? 5.068   7.146   1.124   1.00 13.46 ? 9  DC  A C5    1 
ATOM   180 C C6    . DC  A 1 9  ? 4.195   7.623   2.004   1.00 13.92 ? 9  DC  A C6    1 
ATOM   181 P P     . DG  A 1 10 ? 2.382   11.031  7.205   1.00 23.02 ? 10 DG  A P     1 
ATOM   182 O OP1   . DG  A 1 10 ? 1.140   11.485  7.961   1.00 22.45 ? 10 DG  A OP1   1 
ATOM   183 O OP2   . DG  A 1 10 ? 2.978   12.188  6.436   1.00 22.00 ? 10 DG  A OP2   1 
ATOM   184 O "O5'" . DG  A 1 10 ? 3.403   10.210  8.064   1.00 21.20 ? 10 DG  A "O5'" 1 
ATOM   185 C "C5'" . DG  A 1 10 ? 3.827   8.876   7.803   1.00 21.16 ? 10 DG  A "C5'" 1 
ATOM   186 C "C4'" . DG  A 1 10 ? 5.039   8.515   8.622   1.00 20.99 ? 10 DG  A "C4'" 1 
ATOM   187 O "O4'" . DG  A 1 10 ? 6.016   7.856   7.781   1.00 20.80 ? 10 DG  A "O4'" 1 
ATOM   188 C "C3'" . DG  A 1 10 ? 5.858   9.675   9.227   1.00 20.99 ? 10 DG  A "C3'" 1 
ATOM   189 O "O3'" . DG  A 1 10 ? 6.848   9.327   10.098  1.00 21.78 ? 10 DG  A "O3'" 1 
ATOM   190 C "C2'" . DG  A 1 10 ? 6.409   10.182  7.837   1.00 20.64 ? 10 DG  A "C2'" 1 
ATOM   191 C "C1'" . DG  A 1 10 ? 6.987   8.830   7.373   1.00 19.99 ? 10 DG  A "C1'" 1 
ATOM   192 N N9    . DG  A 1 10 ? 7.255   8.849   5.944   1.00 19.40 ? 10 DG  A N9    1 
ATOM   193 C C8    . DG  A 1 10 ? 6.931   9.812   4.999   1.00 19.21 ? 10 DG  A C8    1 
ATOM   194 N N7    . DG  A 1 10 ? 7.353   9.549   3.788   1.00 18.80 ? 10 DG  A N7    1 
ATOM   195 C C5    . DG  A 1 10 ? 8.043   8.350   3.946   1.00 18.50 ? 10 DG  A C5    1 
ATOM   196 C C6    . DG  A 1 10 ? 8.722   7.556   3.003   1.00 18.64 ? 10 DG  A C6    1 
ATOM   197 O O6    . DG  A 1 10 ? 8.871   7.755   1.786   1.00 18.29 ? 10 DG  A O6    1 
ATOM   198 N N1    . DG  A 1 10 ? 9.266   6.403   3.524   1.00 18.16 ? 10 DG  A N1    1 
ATOM   199 C C2    . DG  A 1 10 ? 9.177   6.088   4.840   1.00 18.29 ? 10 DG  A C2    1 
ATOM   200 N N2    . DG  A 1 10 ? 9.787   4.939   5.138   1.00 17.78 ? 10 DG  A N2    1 
ATOM   201 N N3    . DG  A 1 10 ? 8.540   6.797   5.784   1.00 18.20 ? 10 DG  A N3    1 
ATOM   202 C C4    . DG  A 1 10 ? 8.003   7.909   5.251   1.00 18.69 ? 10 DG  A C4    1 
ATOM   203 P P     . DC  A 1 11 ? 7.227   9.565   11.611  1.00 27.08 ? 11 DC  A P     1 
ATOM   204 O OP1   . DC  A 1 11 ? 6.019   9.437   12.518  1.00 24.95 ? 11 DC  A OP1   1 
ATOM   205 O OP2   . DC  A 1 11 ? 7.815   10.920  11.693  1.00 26.87 ? 11 DC  A OP2   1 
ATOM   206 O "O5'" . DC  A 1 11 ? 8.272   8.367   11.909  1.00 21.34 ? 11 DC  A "O5'" 1 
ATOM   207 C "C5'" . DC  A 1 11 ? 7.626   7.037   11.740  1.00 21.90 ? 11 DC  A "C5'" 1 
ATOM   208 C "C4'" . DC  A 1 11 ? 8.687   5.979   11.788  1.00 21.72 ? 11 DC  A "C4'" 1 
ATOM   209 O "O4'" . DC  A 1 11 ? 9.279   5.650   10.532  1.00 21.49 ? 11 DC  A "O4'" 1 
ATOM   210 C "C3'" . DC  A 1 11 ? 9.878   6.399   12.670  1.00 21.98 ? 11 DC  A "C3'" 1 
ATOM   211 O "O3'" . DC  A 1 11 ? 10.364  5.261   13.374  1.00 22.64 ? 11 DC  A "O3'" 1 
ATOM   212 C "C2'" . DC  A 1 11 ? 10.842  7.012   11.692  1.00 21.50 ? 11 DC  A "C2'" 1 
ATOM   213 C "C1'" . DC  A 1 11 ? 10.590  6.191   10.419  1.00 20.82 ? 11 DC  A "C1'" 1 
ATOM   214 N N1    . DC  A 1 11 ? 10.744  7.098   9.267   1.00 19.82 ? 11 DC  A N1    1 
ATOM   215 C C2    . DC  A 1 11 ? 11.453  6.634   8.189   1.00 19.37 ? 11 DC  A C2    1 
ATOM   216 O O2    . DC  A 1 11 ? 11.937  5.495   8.198   1.00 19.28 ? 11 DC  A O2    1 
ATOM   217 N N3    . DC  A 1 11 ? 11.582  7.461   7.121   1.00 19.08 ? 11 DC  A N3    1 
ATOM   218 C C4    . DC  A 1 11 ? 11.075  8.710   7.102   1.00 18.99 ? 11 DC  A C4    1 
ATOM   219 N N4    . DC  A 1 11 ? 11.236  9.483   6.021   1.00 18.96 ? 11 DC  A N4    1 
ATOM   220 C C5    . DC  A 1 11 ? 10.365  9.187   8.223   1.00 19.43 ? 11 DC  A C5    1 
ATOM   221 C C6    . DC  A 1 11 ? 10.226  8.357   9.269   1.00 19.62 ? 11 DC  A C6    1 
ATOM   222 P P     . DG  A 1 12 ? 11.643  5.408   14.306  1.00 33.06 ? 12 DG  A P     1 
ATOM   223 O OP1   . DG  A 1 12 ? 11.638  4.293   15.349  1.00 28.45 ? 12 DG  A OP1   1 
ATOM   224 O OP2   . DG  A 1 12 ? 11.604  6.767   14.883  1.00 26.95 ? 12 DG  A OP2   1 
ATOM   225 O "O5'" . DG  A 1 12 ? 12.862  5.164   13.243  1.00 24.07 ? 12 DG  A "O5'" 1 
ATOM   226 C "C5'" . DG  A 1 12 ? 13.704  3.967   13.615  1.00 23.15 ? 12 DG  A "C5'" 1 
ATOM   227 C "C4'" . DG  A 1 12 ? 15.025  4.229   12.939  1.00 22.46 ? 12 DG  A "C4'" 1 
ATOM   228 O "O4'" . DG  A 1 12 ? 14.738  4.443   11.542  1.00 22.03 ? 12 DG  A "O4'" 1 
ATOM   229 C "C3'" . DG  A 1 12 ? 15.777  5.480   13.358  1.00 22.40 ? 12 DG  A "C3'" 1 
ATOM   230 O "O3'" . DG  A 1 12 ? 16.497  5.404   14.582  1.00 22.41 ? 12 DG  A "O3'" 1 
ATOM   231 C "C2'" . DG  A 1 12 ? 16.700  5.652   12.122  1.00 22.01 ? 12 DG  A "C2'" 1 
ATOM   232 C "C1'" . DG  A 1 12 ? 15.681  5.355   11.004  1.00 21.46 ? 12 DG  A "C1'" 1 
ATOM   233 N N9    . DG  A 1 12 ? 15.074  6.602   10.544  1.00 20.49 ? 12 DG  A N9    1 
ATOM   234 C C8    . DG  A 1 12 ? 14.284  7.493   11.172  1.00 20.35 ? 12 DG  A C8    1 
ATOM   235 N N7    . DG  A 1 12 ? 13.936  8.533   10.420  1.00 20.11 ? 12 DG  A N7    1 
ATOM   236 C C5    . DG  A 1 12 ? 14.546  8.267   9.213   1.00 20.04 ? 12 DG  A C5    1 
ATOM   237 C C6    . DG  A 1 12 ? 14.537  8.971   7.982   1.00 20.08 ? 12 DG  A C6    1 
ATOM   238 O O6    . DG  A 1 12 ? 13.946  10.025  7.769   1.00 20.07 ? 12 DG  A O6    1 
ATOM   239 N N1    . DG  A 1 12 ? 15.266  8.393   6.966   1.00 19.92 ? 12 DG  A N1    1 
ATOM   240 C C2    . DG  A 1 12 ? 15.918  7.215   7.133   1.00 20.05 ? 12 DG  A C2    1 
ATOM   241 N N2    . DG  A 1 12 ? 16.573  6.732   6.059   1.00 19.76 ? 12 DG  A N2    1 
ATOM   242 N N3    . DG  A 1 12 ? 15.938  6.500   8.264   1.00 20.30 ? 12 DG  A N3    1 
ATOM   243 C C4    . DG  A 1 12 ? 15.243  7.090   9.258   1.00 20.28 ? 12 DG  A C4    1 
ATOM   244 O "O5'" . DC  B 1 1  ? 18.018  12.545  -1.820  1.00 23.42 ? 13 DC  B "O5'" 1 
ATOM   245 C "C5'" . DC  B 1 1  ? 17.581  11.933  -0.556  1.00 23.09 ? 13 DC  B "C5'" 1 
ATOM   246 C "C4'" . DC  B 1 1  ? 18.077  10.527  -0.443  1.00 22.88 ? 13 DC  B "C4'" 1 
ATOM   247 O "O4'" . DC  B 1 1  ? 18.045  10.083  0.919   1.00 22.80 ? 13 DC  B "O4'" 1 
ATOM   248 C "C3'" . DC  B 1 1  ? 17.289  9.420   -1.183  1.00 22.70 ? 13 DC  B "C3'" 1 
ATOM   249 O "O3'" . DC  B 1 1  ? 18.103  8.300   -1.447  1.00 22.81 ? 13 DC  B "O3'" 1 
ATOM   250 C "C2'" . DC  B 1 1  ? 16.181  9.128   -0.179  1.00 22.52 ? 13 DC  B "C2'" 1 
ATOM   251 C "C1'" . DC  B 1 1  ? 16.915  9.174   1.114   1.00 22.28 ? 13 DC  B "C1'" 1 
ATOM   252 N N1    . DC  B 1 1  ? 16.108  9.723   2.206   1.00 21.89 ? 13 DC  B N1    1 
ATOM   253 C C2    . DC  B 1 1  ? 16.100  9.062   3.396   1.00 21.95 ? 13 DC  B C2    1 
ATOM   254 O O2    . DC  B 1 1  ? 16.690  7.995   3.541   1.00 21.90 ? 13 DC  B O2    1 
ATOM   255 N N3    . DC  B 1 1  ? 15.378  9.605   4.434   1.00 21.85 ? 13 DC  B N3    1 
ATOM   256 C C4    . DC  B 1 1  ? 14.696  10.760  4.294   1.00 21.94 ? 13 DC  B C4    1 
ATOM   257 N N4    . DC  B 1 1  ? 14.010  11.245  5.317   1.00 22.11 ? 13 DC  B N4    1 
ATOM   258 C C5    . DC  B 1 1  ? 14.704  11.457  3.055   1.00 22.08 ? 13 DC  B C5    1 
ATOM   259 C C6    . DC  B 1 1  ? 15.425  10.892  2.068   1.00 22.17 ? 13 DC  B C6    1 
ATOM   260 P P     . DG  B 1 2  ? 17.687  6.895   -2.037  1.00 25.79 ? 14 DG  B P     1 
ATOM   261 O OP1   . DG  B 1 2  ? 18.814  6.317   -2.869  1.00 23.14 ? 14 DG  B OP1   1 
ATOM   262 O OP2   . DG  B 1 2  ? 16.458  7.158   -2.820  1.00 23.10 ? 14 DG  B OP2   1 
ATOM   263 O "O5'" . DG  B 1 2  ? 17.409  5.937   -0.746  1.00 18.54 ? 14 DG  B "O5'" 1 
ATOM   264 C "C5'" . DG  B 1 2  ? 18.423  4.913   -0.456  1.00 17.20 ? 14 DG  B "C5'" 1 
ATOM   265 C "C4'" . DG  B 1 2  ? 17.726  3.852   0.333   1.00 17.03 ? 14 DG  B "C4'" 1 
ATOM   266 O "O4'" . DG  B 1 2  ? 16.929  4.373   1.385   1.00 16.63 ? 14 DG  B "O4'" 1 
ATOM   267 C "C3'" . DG  B 1 2  ? 16.709  3.027   -0.472  1.00 16.78 ? 14 DG  B "C3'" 1 
ATOM   268 O "O3'" . DG  B 1 2  ? 16.338  1.822   0.244   1.00 17.21 ? 14 DG  B "O3'" 1 
ATOM   269 C "C2'" . DG  B 1 2  ? 15.554  4.007   -0.496  1.00 16.72 ? 14 DG  B "C2'" 1 
ATOM   270 C "C1'" . DG  B 1 2  ? 15.531  4.215   1.055   1.00 16.59 ? 14 DG  B "C1'" 1 
ATOM   271 N N9    . DG  B 1 2  ? 14.668  5.326   1.361   1.00 16.14 ? 14 DG  B N9    1 
ATOM   272 C C8    . DG  B 1 2  ? 14.252  6.344   0.530   1.00 16.21 ? 14 DG  B C8    1 
ATOM   273 N N7    . DG  B 1 2  ? 13.477  7.225   1.103   1.00 16.28 ? 14 DG  B N7    1 
ATOM   274 C C5    . DG  B 1 2  ? 13.358  6.751   2.409   1.00 16.02 ? 14 DG  B C5    1 
ATOM   275 C C6    . DG  B 1 2  ? 12.633  7.244   3.512   1.00 15.96 ? 14 DG  B C6    1 
ATOM   276 O O6    . DG  B 1 2  ? 11.938  8.292   3.513   1.00 16.16 ? 14 DG  B O6    1 
ATOM   277 N N1    . DG  B 1 2  ? 12.751  6.491   4.637   1.00 15.87 ? 14 DG  B N1    1 
ATOM   278 C C2    . DG  B 1 2  ? 13.484  5.366   4.690   1.00 15.91 ? 14 DG  B C2    1 
ATOM   279 N N2    . DG  B 1 2  ? 13.505  4.694   5.873   1.00 16.31 ? 14 DG  B N2    1 
ATOM   280 N N3    . DG  B 1 2  ? 14.194  4.855   3.694   1.00 16.21 ? 14 DG  B N3    1 
ATOM   281 C C4    . DG  B 1 2  ? 14.077  5.602   2.570   1.00 16.13 ? 14 DG  B C4    1 
ATOM   282 P P     . DC  B 1 3  ? 16.056  0.511   -0.634  1.00 17.88 ? 15 DC  B P     1 
ATOM   283 O OP1   . DC  B 1 3  ? 17.299  0.020   -1.275  1.00 17.77 ? 15 DC  B OP1   1 
ATOM   284 O OP2   . DC  B 1 3  ? 15.108  1.191   -1.646  1.00 17.86 ? 15 DC  B OP2   1 
ATOM   285 O "O5'" . DC  B 1 3  ? 15.338  -0.523  0.271   1.00 14.28 ? 15 DC  B "O5'" 1 
ATOM   286 C "C5'" . DC  B 1 3  ? 15.582  -0.738  1.667   1.00 13.56 ? 15 DC  B "C5'" 1 
ATOM   287 C "C4'" . DC  B 1 3  ? 14.543  -0.026  2.485   1.00 12.72 ? 15 DC  B "C4'" 1 
ATOM   288 O "O4'" . DC  B 1 3  ? 14.206  1.250   1.888   1.00 12.43 ? 15 DC  B "O4'" 1 
ATOM   289 C "C3'" . DC  B 1 3  ? 13.207  -0.710  2.620   1.00 12.71 ? 15 DC  B "C3'" 1 
ATOM   290 O "O3'" . DC  B 1 3  ? 13.140  -1.741  3.594   1.00 12.69 ? 15 DC  B "O3'" 1 
ATOM   291 C "C2'" . DC  B 1 3  ? 12.264  0.438   3.010   1.00 12.41 ? 15 DC  B "C2'" 1 
ATOM   292 C "C1'" . DC  B 1 3  ? 13.020  1.643   2.656   1.00 12.15 ? 15 DC  B "C1'" 1 
ATOM   293 N N1    . DC  B 1 3  ? 12.171  2.614   1.952   1.00 11.64 ? 15 DC  B N1    1 
ATOM   294 C C2    . DC  B 1 3  ? 11.231  3.245   2.779   1.00 11.52 ? 15 DC  B C2    1 
ATOM   295 O O2    . DC  B 1 3  ? 11.085  2.908   3.944   1.00 12.04 ? 15 DC  B O2    1 
ATOM   296 N N3    . DC  B 1 3  ? 10.484  4.232   2.230   1.00 11.14 ? 15 DC  B N3    1 
ATOM   297 C C4    . DC  B 1 3  ? 10.641  4.626   0.967   1.00 10.84 ? 15 DC  B C4    1 
ATOM   298 N N4    . DC  B 1 3  ? 9.869   5.614   0.510   1.00 11.41 ? 15 DC  B N4    1 
ATOM   299 C C5    . DC  B 1 3  ? 11.611  4.020   0.155   1.00 11.02 ? 15 DC  B C5    1 
ATOM   300 C C6    . DC  B 1 3  ? 12.352  3.045   0.702   1.00 11.36 ? 15 DC  B C6    1 
ATOM   301 P P     . DG  B 1 4  ? 12.937  -3.288  3.152   1.00 16.89 ? 16 DG  B P     1 
ATOM   302 O OP1   . DG  B 1 4  ? 14.079  -4.158  3.525   1.00 15.88 ? 16 DG  B OP1   1 
ATOM   303 O OP2   . DG  B 1 4  ? 12.646  -3.223  1.738   1.00 16.52 ? 16 DG  B OP2   1 
ATOM   304 O "O5'" . DG  B 1 4  ? 11.627  -3.608  4.135   1.00 13.36 ? 16 DG  B "O5'" 1 
ATOM   305 C "C5'" . DG  B 1 4  ? 11.686  -3.069  5.419   1.00 12.26 ? 16 DG  B "C5'" 1 
ATOM   306 C "C4'" . DG  B 1 4  ? 10.556  -2.434  6.080   1.00 12.08 ? 16 DG  B "C4'" 1 
ATOM   307 O "O4'" . DG  B 1 4  ? 10.217  -1.120  5.586   1.00 11.41 ? 16 DG  B "O4'" 1 
ATOM   308 C "C3'" . DG  B 1 4  ? 9.207   -3.176  6.032   1.00 12.22 ? 16 DG  B "C3'" 1 
ATOM   309 O "O3'" . DG  B 1 4  ? 8.476   -2.936  7.229   1.00 13.34 ? 16 DG  B "O3'" 1 
ATOM   310 C "C2'" . DG  B 1 4  ? 8.555   -2.572  4.807   1.00 11.42 ? 16 DG  B "C2'" 1 
ATOM   311 C "C1'" . DG  B 1 4  ? 8.885   -1.103  5.077   1.00 10.22 ? 16 DG  B "C1'" 1 
ATOM   312 N N9    . DG  B 1 4  ? 8.718   -0.347  3.845   1.00 8.88  ? 16 DG  B N9    1 
ATOM   313 C C8    . DG  B 1 4  ? 8.981   -0.690  2.545   1.00 8.43  ? 16 DG  B C8    1 
ATOM   314 N N7    . DG  B 1 4  ? 8.646   0.238   1.661   1.00 7.82  ? 16 DG  B N7    1 
ATOM   315 C C5    . DG  B 1 4  ? 8.127   1.246   2.448   1.00 7.82  ? 16 DG  B C5    1 
ATOM   316 C C6    . DG  B 1 4  ? 7.623   2.513   2.111   1.00 8.10  ? 16 DG  B C6    1 
ATOM   317 O O6    . DG  B 1 4  ? 7.542   3.046   0.996   1.00 8.34  ? 16 DG  B O6    1 
ATOM   318 N N1    . DG  B 1 4  ? 7.170   3.252   3.181   1.00 8.33  ? 16 DG  B N1    1 
ATOM   319 C C2    . DG  B 1 4  ? 7.230   2.799   4.470   1.00 8.14  ? 16 DG  B C2    1 
ATOM   320 N N2    . DG  B 1 4  ? 6.725   3.675   5.343   1.00 8.29  ? 16 DG  B N2    1 
ATOM   321 N N3    . DG  B 1 4  ? 7.727   1.617   4.859   1.00 8.09  ? 16 DG  B N3    1 
ATOM   322 C C4    . DG  B 1 4  ? 8.163   0.911   3.781   1.00 8.33  ? 16 DG  B C4    1 
ATOM   323 P P     . DA  B 1 5  ? 7.501   -4.047  7.852   1.00 24.14 ? 17 DA  B P     1 
ATOM   324 O OP1   . DA  B 1 5  ? 8.051   -4.727  9.069   1.00 22.63 ? 17 DA  B OP1   1 
ATOM   325 O OP2   . DA  B 1 5  ? 7.196   -4.914  6.714   1.00 22.37 ? 17 DA  B OP2   1 
ATOM   326 O "O5'" . DA  B 1 5  ? 6.261   -3.083  8.359   1.00 19.05 ? 17 DA  B "O5'" 1 
ATOM   327 C "C5'" . DA  B 1 5  ? 6.853   -1.852  8.955   1.00 18.86 ? 17 DA  B "C5'" 1 
ATOM   328 C "C4'" . DA  B 1 5  ? 5.754   -0.838  8.895   1.00 18.64 ? 17 DA  B "C4'" 1 
ATOM   329 O "O4'" . DA  B 1 5  ? 5.686   -0.142  7.708   1.00 18.44 ? 17 DA  B "O4'" 1 
ATOM   330 C "C3'" . DA  B 1 5  ? 4.370   -1.497  9.093   1.00 18.82 ? 17 DA  B "C3'" 1 
ATOM   331 O "O3'" . DA  B 1 5  ? 3.671   -0.693  10.097  1.00 19.41 ? 17 DA  B "O3'" 1 
ATOM   332 C "C2'" . DA  B 1 5  ? 3.824   -1.547  7.711   1.00 18.57 ? 17 DA  B "C2'" 1 
ATOM   333 C "C1'" . DA  B 1 5  ? 4.364   -0.314  7.063   1.00 18.02 ? 17 DA  B "C1'" 1 
ATOM   334 N N9    . DA  B 1 5  ? 4.621   -0.445  5.641   1.00 17.36 ? 17 DA  B N9    1 
ATOM   335 C C8    . DA  B 1 5  ? 5.257   -1.505  5.024   1.00 17.27 ? 17 DA  B C8    1 
ATOM   336 N N7    . DA  B 1 5  ? 5.461   -1.326  3.742   1.00 17.09 ? 17 DA  B N7    1 
ATOM   337 C C5    . DA  B 1 5  ? 4.931   -0.062  3.513   1.00 17.00 ? 17 DA  B C5    1 
ATOM   338 C C6    . DA  B 1 5  ? 4.820   0.685   2.314   1.00 17.18 ? 17 DA  B C6    1 
ATOM   339 N N6    . DA  B 1 5  ? 5.227   0.207   1.151   1.00 17.24 ? 17 DA  B N6    1 
ATOM   340 N N1    . DA  B 1 5  ? 4.255   1.896   2.456   1.00 17.02 ? 17 DA  B N1    1 
ATOM   341 C C2    . DA  B 1 5  ? 3.791   2.374   3.638   1.00 17.16 ? 17 DA  B C2    1 
ATOM   342 N N3    . DA  B 1 5  ? 3.852   1.702   4.816   1.00 17.39 ? 17 DA  B N3    1 
ATOM   343 C C4    . DA  B 1 5  ? 4.447   0.494   4.665   1.00 17.18 ? 17 DA  B C4    1 
ATOM   344 P P     . DA  B 1 6  ? 2.232   -1.150  10.537  1.00 24.54 ? 18 DA  B P     1 
ATOM   345 O OP1   . DA  B 1 6  ? 1.955   -1.089  12.002  1.00 22.68 ? 18 DA  B OP1   1 
ATOM   346 O OP2   . DA  B 1 6  ? 2.285   -2.644  10.121  1.00 22.42 ? 18 DA  B OP2   1 
ATOM   347 O "O5'" . DA  B 1 6  ? 1.232   -0.310  9.644   1.00 17.92 ? 18 DA  B "O5'" 1 
ATOM   348 C "C5'" . DA  B 1 6  ? 1.259   1.137   9.474   1.00 16.40 ? 18 DA  B "C5'" 1 
ATOM   349 C "C4'" . DA  B 1 6  ? 0.324   1.338   8.253   1.00 15.89 ? 18 DA  B "C4'" 1 
ATOM   350 O "O4'" . DA  B 1 6  ? 1.100   0.887   7.115   1.00 15.29 ? 18 DA  B "O4'" 1 
ATOM   351 C "C3'" . DA  B 1 6  ? -0.900  0.490   8.195   1.00 15.80 ? 18 DA  B "C3'" 1 
ATOM   352 O "O3'" . DA  B 1 6  ? -2.158  0.951   8.673   1.00 16.78 ? 18 DA  B "O3'" 1 
ATOM   353 C "C2'" . DA  B 1 6  ? -1.033  0.176   6.666   1.00 15.37 ? 18 DA  B "C2'" 1 
ATOM   354 C "C1'" . DA  B 1 6  ? 0.161   0.757   6.019   1.00 14.02 ? 18 DA  B "C1'" 1 
ATOM   355 N N9    . DA  B 1 6  ? 0.720   -0.081  4.949   1.00 12.89 ? 18 DA  B N9    1 
ATOM   356 C C8    . DA  B 1 6  ? 1.278   -1.334  5.004   1.00 12.23 ? 18 DA  B C8    1 
ATOM   357 N N7    . DA  B 1 6  ? 1.693   -1.787  3.857   1.00 11.96 ? 18 DA  B N7    1 
ATOM   358 C C5    . DA  B 1 6  ? 1.406   -0.764  2.963   1.00 11.64 ? 18 DA  B C5    1 
ATOM   359 C C6    . DA  B 1 6  ? 1.644   -0.623  1.587   1.00 11.58 ? 18 DA  B C6    1 
ATOM   360 N N6    . DA  B 1 6  ? 2.235   -1.529  0.813   1.00 11.51 ? 18 DA  B N6    1 
ATOM   361 N N1    . DA  B 1 6  ? 1.187   0.519   1.026   1.00 11.31 ? 18 DA  B N1    1 
ATOM   362 C C2    . DA  B 1 6  ? 0.578   1.479   1.789   1.00 11.83 ? 18 DA  B C2    1 
ATOM   363 N N3    . DA  B 1 6  ? 0.361   1.439   3.094   1.00 11.84 ? 18 DA  B N3    1 
ATOM   364 C C4    . DA  B 1 6  ? 0.795   0.278   3.613   1.00 12.07 ? 18 DA  B C4    1 
ATOM   365 P P     . DT  B 1 7  ? -2.768  2.371   8.851   1.00 24.63 ? 19 DT  B P     1 
ATOM   366 O OP1   . DT  B 1 7  ? -1.695  3.407   9.227   1.00 25.65 ? 19 DT  B OP1   1 
ATOM   367 O OP2   . DT  B 1 7  ? -3.759  2.226   9.999   1.00 23.68 ? 19 DT  B OP2   1 
ATOM   368 O "O5'" . DT  B 1 7  ? -3.443  2.811   7.502   1.00 17.35 ? 19 DT  B "O5'" 1 
ATOM   369 C "C5'" . DT  B 1 7  ? -3.178  1.944   6.345   1.00 16.49 ? 19 DT  B "C5'" 1 
ATOM   370 C "C4'" . DT  B 1 7  ? -3.351  2.940   5.212   1.00 16.27 ? 19 DT  B "C4'" 1 
ATOM   371 O "O4'" . DT  B 1 7  ? -2.703  2.560   4.039   1.00 15.87 ? 19 DT  B "O4'" 1 
ATOM   372 C "C3'" . DT  B 1 7  ? -4.846  3.009   4.846   1.00 16.29 ? 19 DT  B "C3'" 1 
ATOM   373 O "O3'" . DT  B 1 7  ? -5.187  4.278   4.289   1.00 16.72 ? 19 DT  B "O3'" 1 
ATOM   374 C "C2'" . DT  B 1 7  ? -4.888  1.749   3.962   1.00 15.77 ? 19 DT  B "C2'" 1 
ATOM   375 C "C1'" . DT  B 1 7  ? -3.616  1.841   3.181   1.00 14.57 ? 19 DT  B "C1'" 1 
ATOM   376 N N1    . DT  B 1 7  ? -3.009  0.564   2.768   1.00 13.49 ? 19 DT  B N1    1 
ATOM   377 C C2    . DT  B 1 7  ? -2.550  0.568   1.443   1.00 12.86 ? 19 DT  B C2    1 
ATOM   378 O O2    . DT  B 1 7  ? -2.721  1.556   0.728   1.00 13.15 ? 19 DT  B O2    1 
ATOM   379 N N3    . DT  B 1 7  ? -1.988  -0.553  0.952   1.00 12.51 ? 19 DT  B N3    1 
ATOM   380 C C4    . DT  B 1 7  ? -1.795  -1.650  1.720   1.00 12.51 ? 19 DT  B C4    1 
ATOM   381 O O4    . DT  B 1 7  ? -1.209  -2.639  1.177   1.00 12.51 ? 19 DT  B O4    1 
ATOM   382 C C5    . DT  B 1 7  ? -2.228  -1.645  3.079   1.00 12.48 ? 19 DT  B C5    1 
ATOM   383 C C7    . DT  B 1 7  ? -2.006  -2.866  3.903   1.00 12.32 ? 19 DT  B C7    1 
ATOM   384 C C6    . DT  B 1 7  ? -2.814  -0.532  3.531   1.00 12.82 ? 19 DT  B C6    1 
ATOM   385 P P     . DT  B 1 8  ? -6.603  4.425   3.529   1.00 20.89 ? 20 DT  B P     1 
ATOM   386 O OP1   . DT  B 1 8  ? -6.789  5.713   2.816   1.00 20.81 ? 20 DT  B OP1   1 
ATOM   387 O OP2   . DT  B 1 8  ? -7.583  4.212   4.645   1.00 20.22 ? 20 DT  B OP2   1 
ATOM   388 O "O5'" . DT  B 1 8  ? -6.509  3.209   2.497   1.00 18.00 ? 20 DT  B "O5'" 1 
ATOM   389 C "C5'" . DT  B 1 8  ? -7.530  3.086   1.514   1.00 18.01 ? 20 DT  B "C5'" 1 
ATOM   390 C "C4'" . DT  B 1 8  ? -7.162  3.886   0.302   1.00 17.74 ? 20 DT  B "C4'" 1 
ATOM   391 O "O4'" . DT  B 1 8  ? -5.979  3.377   -0.327  1.00 17.73 ? 20 DT  B "O4'" 1 
ATOM   392 C "C3'" . DT  B 1 8  ? -8.176  3.749   -0.809  1.00 17.79 ? 20 DT  B "C3'" 1 
ATOM   393 O "O3'" . DT  B 1 8  ? -7.968  4.728   -1.854  1.00 17.97 ? 20 DT  B "O3'" 1 
ATOM   394 C "C2'" . DT  B 1 8  ? -7.914  2.323   -1.296  1.00 17.58 ? 20 DT  B "C2'" 1 
ATOM   395 C "C1'" . DT  B 1 8  ? -6.420  2.198   -1.104  1.00 17.32 ? 20 DT  B "C1'" 1 
ATOM   396 N N1    . DT  B 1 8  ? -6.059  0.970   -0.413  1.00 16.75 ? 20 DT  B N1    1 
ATOM   397 C C2    . DT  B 1 8  ? -5.435  0.002   -1.178  1.00 16.76 ? 20 DT  B C2    1 
ATOM   398 O O2    . DT  B 1 8  ? -5.223  0.128   -2.381  1.00 16.76 ? 20 DT  B O2    1 
ATOM   399 N N3    . DT  B 1 8  ? -5.072  -1.132  -0.522  1.00 16.71 ? 20 DT  B N3    1 
ATOM   400 C C4    . DT  B 1 8  ? -5.297  -1.362  0.794   1.00 16.62 ? 20 DT  B C4    1 
ATOM   401 O O4    . DT  B 1 8  ? -4.920  -2.491  1.275   1.00 16.76 ? 20 DT  B O4    1 
ATOM   402 C C5    . DT  B 1 8  ? -5.935  -0.350  1.555   1.00 16.50 ? 20 DT  B C5    1 
ATOM   403 C C7    . DT  B 1 8  ? -6.174  -0.580  3.029   1.00 16.41 ? 20 DT  B C7    1 
ATOM   404 C C6    . DT  B 1 8  ? -6.280  0.753   0.915   1.00 16.49 ? 20 DT  B C6    1 
ATOM   405 P P     . DC  B 1 9  ? -9.284  4.795   -2.837  1.00 18.85 ? 21 DC  B P     1 
ATOM   406 O OP1   . DC  B 1 9  ? -9.279  5.945   -3.696  1.00 16.75 ? 21 DC  B OP1   1 
ATOM   407 O OP2   . DC  B 1 9  ? -10.342 4.799   -1.764  1.00 20.40 ? 21 DC  B OP2   1 
ATOM   408 O "O5'" . DC  B 1 9  ? -9.108  3.361   -3.577  1.00 18.55 ? 21 DC  B "O5'" 1 
ATOM   409 C "C5'" . DC  B 1 9  ? -7.834  3.173   -4.250  1.00 18.92 ? 21 DC  B "C5'" 1 
ATOM   410 C "C4'" . DC  B 1 9  ? -7.904  2.103   -5.294  1.00 18.65 ? 21 DC  B "C4'" 1 
ATOM   411 O "O4'" . DC  B 1 9  ? -7.351  0.887   -4.833  1.00 18.53 ? 21 DC  B "O4'" 1 
ATOM   412 C "C3'" . DC  B 1 9  ? -9.320  1.762   -5.734  1.00 19.00 ? 21 DC  B "C3'" 1 
ATOM   413 O "O3'" . DC  B 1 9  ? -9.380  1.679   -7.170  1.00 20.07 ? 21 DC  B "O3'" 1 
ATOM   414 C "C2'" . DC  B 1 9  ? -9.649  0.455   -5.040  1.00 18.47 ? 21 DC  B "C2'" 1 
ATOM   415 C "C1'" . DC  B 1 9  ? -8.309  -0.187  -4.851  1.00 17.82 ? 21 DC  B "C1'" 1 
ATOM   416 N N1    . DC  B 1 9  ? -8.289  -0.948  -3.598  1.00 17.17 ? 21 DC  B N1    1 
ATOM   417 C C2    . DC  B 1 9  ? -7.749  -2.232  -3.621  1.00 17.03 ? 21 DC  B C2    1 
ATOM   418 O O2    . DC  B 1 9  ? -7.309  -2.697  -4.671  1.00 17.20 ? 21 DC  B O2    1 
ATOM   419 N N3    . DC  B 1 9  ? -7.702  -2.959  -2.465  1.00 16.46 ? 21 DC  B N3    1 
ATOM   420 C C4    . DC  B 1 9  ? -8.195  -2.435  -1.309  1.00 16.73 ? 21 DC  B C4    1 
ATOM   421 N N4    . DC  B 1 9  ? -8.147  -3.137  -0.178  1.00 16.73 ? 21 DC  B N4    1 
ATOM   422 C C5    . DC  B 1 9  ? -8.763  -1.133  -1.287  1.00 16.65 ? 21 DC  B C5    1 
ATOM   423 C C6    . DC  B 1 9  ? -8.776  -0.441  -2.435  1.00 17.08 ? 21 DC  B C6    1 
ATOM   424 P P     . DG  B 1 10 ? -10.817 1.588   -7.892  1.00 26.94 ? 22 DG  B P     1 
ATOM   425 O OP1   . DG  B 1 10 ? -10.831 2.406   -9.154  1.00 26.71 ? 22 DG  B OP1   1 
ATOM   426 O OP2   . DG  B 1 10 ? -11.768 2.066   -6.868  1.00 23.08 ? 22 DG  B OP2   1 
ATOM   427 O "O5'" . DG  B 1 10 ? -10.902 0.014   -8.243  1.00 20.22 ? 22 DG  B "O5'" 1 
ATOM   428 C "C5'" . DG  B 1 10 ? -9.685  -0.640  -8.708  1.00 19.00 ? 22 DG  B "C5'" 1 
ATOM   429 C "C4'" . DG  B 1 10 ? -10.018 -2.030  -9.183  1.00 18.33 ? 22 DG  B "C4'" 1 
ATOM   430 O "O4'" . DG  B 1 10 ? -9.759  -2.975  -8.129  1.00 17.83 ? 22 DG  B "O4'" 1 
ATOM   431 C "C3'" . DG  B 1 10 ? -11.484 -2.319  -9.531  1.00 18.30 ? 22 DG  B "C3'" 1 
ATOM   432 O "O3'" . DG  B 1 10 ? -11.691 -3.577  -10.101 1.00 19.09 ? 22 DG  B "O3'" 1 
ATOM   433 C "C2'" . DG  B 1 10 ? -12.052 -2.287  -8.087  1.00 17.64 ? 22 DG  B "C2'" 1 
ATOM   434 C "C1'" . DG  B 1 10 ? -11.019 -3.307  -7.520  1.00 16.91 ? 22 DG  B "C1'" 1 
ATOM   435 N N9    . DG  B 1 10 ? -11.110 -3.277  -6.078  1.00 15.98 ? 22 DG  B N9    1 
ATOM   436 C C8    . DG  B 1 10 ? -11.782 -2.393  -5.272  1.00 15.48 ? 22 DG  B C8    1 
ATOM   437 N N7    . DG  B 1 10 ? -11.710 -2.694  -4.022  1.00 15.49 ? 22 DG  B N7    1 
ATOM   438 C C5    . DG  B 1 10 ? -10.970 -3.868  -3.950  1.00 14.94 ? 22 DG  B C5    1 
ATOM   439 C C6    . DG  B 1 10 ? -10.571 -4.666  -2.866  1.00 15.03 ? 22 DG  B C6    1 
ATOM   440 O O6    . DG  B 1 10 ? -10.803 -4.466  -1.653  1.00 14.87 ? 22 DG  B O6    1 
ATOM   441 N N1    . DG  B 1 10 ? -9.829  -5.778  -3.203  1.00 14.53 ? 22 DG  B N1    1 
ATOM   442 C C2    . DG  B 1 10 ? -9.520  -6.046  -4.496  1.00 14.89 ? 22 DG  B C2    1 
ATOM   443 N N2    . DG  B 1 10 ? -8.795  -7.185  -4.703  1.00 14.86 ? 22 DG  B N2    1 
ATOM   444 N N3    . DG  B 1 10 ? -9.865  -5.320  -5.567  1.00 14.79 ? 22 DG  B N3    1 
ATOM   445 C C4    . DG  B 1 10 ? -10.595 -4.248  -5.209  1.00 15.45 ? 22 DG  B C4    1 
ATOM   446 P P     . DC  B 1 11 ? -11.958 -3.850  -11.669 1.00 26.84 ? 23 DC  B P     1 
ATOM   447 O OP1   . DC  B 1 11 ? -10.900 -3.158  -12.483 1.00 22.12 ? 23 DC  B OP1   1 
ATOM   448 O OP2   . DC  B 1 11 ? -13.320 -3.285  -11.872 1.00 25.33 ? 23 DC  B OP2   1 
ATOM   449 O "O5'" . DC  B 1 11 ? -11.885 -5.449  -11.764 1.00 22.10 ? 23 DC  B "O5'" 1 
ATOM   450 C "C5'" . DC  B 1 11 ? -10.546 -6.025  -11.891 1.00 22.81 ? 23 DC  B "C5'" 1 
ATOM   451 C "C4'" . DC  B 1 11 ? -10.501 -7.325  -11.103 1.00 22.38 ? 23 DC  B "C4'" 1 
ATOM   452 O "O4'" . DC  B 1 11 ? -10.505 -6.963  -9.710  1.00 22.50 ? 23 DC  B "O4'" 1 
ATOM   453 C "C3'" . DC  B 1 11 ? -11.673 -8.227  -11.336 1.00 22.40 ? 23 DC  B "C3'" 1 
ATOM   454 O "O3'" . DC  B 1 11 ? -11.377 -9.463  -12.061 1.00 22.62 ? 23 DC  B "O3'" 1 
ATOM   455 C "C2'" . DC  B 1 11 ? -12.250 -8.537  -9.980  1.00 22.19 ? 23 DC  B "C2'" 1 
ATOM   456 C "C1'" . DC  B 1 11 ? -11.252 -7.970  -9.001  1.00 21.76 ? 23 DC  B "C1'" 1 
ATOM   457 N N1    . DC  B 1 11 ? -12.011 -7.420  -7.862  1.00 20.90 ? 23 DC  B N1    1 
ATOM   458 C C2    . DC  B 1 11 ? -11.801 -7.996  -6.633  1.00 20.55 ? 23 DC  B C2    1 
ATOM   459 O O2    . DC  B 1 11 ? -10.985 -8.942  -6.507  1.00 20.33 ? 23 DC  B O2    1 
ATOM   460 N N3    . DC  B 1 11 ? -12.517 -7.498  -5.588  1.00 20.04 ? 23 DC  B N3    1 
ATOM   461 C C4    . DC  B 1 11 ? -13.422 -6.501  -5.746  1.00 19.98 ? 23 DC  B C4    1 
ATOM   462 N N4    . DC  B 1 11 ? -14.096 -6.051  -4.696  1.00 19.91 ? 23 DC  B N4    1 
ATOM   463 C C5    . DC  B 1 11 ? -13.650 -5.924  -7.020  1.00 20.43 ? 23 DC  B C5    1 
ATOM   464 C C6    . DC  B 1 11 ? -12.930 -6.432  -8.045  1.00 20.80 ? 23 DC  B C6    1 
ATOM   465 P P     . DG  B 1 12 ? -12.736 -10.120 -12.768 1.00 24.85 ? 24 DG  B P     1 
ATOM   466 O OP1   . DG  B 1 12 ? -12.415 -10.851 -13.985 1.00 24.09 ? 24 DG  B OP1   1 
ATOM   467 O OP2   . DG  B 1 12 ? -13.582 -8.952  -12.970 1.00 22.56 ? 24 DG  B OP2   1 
ATOM   468 O "O5'" . DG  B 1 12 ? -13.165 -11.169 -11.595 1.00 20.36 ? 24 DG  B "O5'" 1 
ATOM   469 C "C5'" . DG  B 1 12 ? -12.472 -12.457 -11.670 1.00 19.37 ? 24 DG  B "C5'" 1 
ATOM   470 C "C4'" . DG  B 1 12 ? -12.529 -13.194 -10.362 1.00 19.02 ? 24 DG  B "C4'" 1 
ATOM   471 O "O4'" . DG  B 1 12 ? -12.021 -12.351 -9.305  1.00 18.59 ? 24 DG  B "O4'" 1 
ATOM   472 C "C3'" . DG  B 1 12 ? -13.896 -13.653 -9.877  1.00 18.93 ? 24 DG  B "C3'" 1 
ATOM   473 O "O3'" . DG  B 1 12 ? -14.393 -14.868 -10.498 1.00 19.25 ? 24 DG  B "O3'" 1 
ATOM   474 C "C2'" . DG  B 1 12 ? -13.625 -13.825 -8.375  1.00 18.38 ? 24 DG  B "C2'" 1 
ATOM   475 C "C1'" . DG  B 1 12 ? -12.806 -12.573 -8.126  1.00 18.02 ? 24 DG  B "C1'" 1 
ATOM   476 N N9    . DG  B 1 12 ? -13.708 -11.448 -7.827  1.00 17.53 ? 24 DG  B N9    1 
ATOM   477 C C8    . DG  B 1 12 ? -14.202 -10.452 -8.615  1.00 17.26 ? 24 DG  B C8    1 
ATOM   478 N N7    . DG  B 1 12 ? -14.995 -9.600  -7.988  1.00 17.00 ? 24 DG  B N7    1 
ATOM   479 C C5    . DG  B 1 12 ? -15.017 -10.102 -6.695  1.00 16.83 ? 24 DG  B C5    1 
ATOM   480 C C6    . DG  B 1 12 ? -15.663 -9.622  -5.525  1.00 17.04 ? 24 DG  B C6    1 
ATOM   481 O O6    . DG  B 1 12 ? -16.394 -8.618  -5.481  1.00 17.23 ? 24 DG  B O6    1 
ATOM   482 N N1    . DG  B 1 12 ? -15.443 -10.377 -4.413  1.00 16.73 ? 24 DG  B N1    1 
ATOM   483 C C2    . DG  B 1 12 ? -14.660 -11.469 -4.401  1.00 16.95 ? 24 DG  B C2    1 
ATOM   484 N N2    . DG  B 1 12 ? -14.536 -12.109 -3.213  1.00 17.02 ? 24 DG  B N2    1 
ATOM   485 N N3    . DG  B 1 12 ? -14.011 -11.970 -5.462  1.00 17.02 ? 24 DG  B N3    1 
ATOM   486 C C4    . DG  B 1 12 ? -14.238 -11.215 -6.562  1.00 17.12 ? 24 DG  B C4    1 
HETATM 487 C C1    . HT1 C 2 .  ? -5.473  -0.753  -8.123  1.00 35.36 ? 25 HT1 A C1    1 
HETATM 488 O O1    . HT1 C 2 .  ? -5.953  -1.733  -8.797  1.00 35.49 ? 25 HT1 A O1    1 
HETATM 489 C C2    . HT1 C 2 .  ? -4.639  -1.110  -7.011  1.00 35.16 ? 25 HT1 A C2    1 
HETATM 490 C C3    . HT1 C 2 .  ? -4.119  -0.050  -6.256  1.00 34.90 ? 25 HT1 A C3    1 
HETATM 491 C C4    . HT1 C 2 .  ? -4.369  1.316   -6.527  1.00 34.82 ? 25 HT1 A C4    1 
HETATM 492 C C5    . HT1 C 2 .  ? -5.195  1.669   -7.675  1.00 35.00 ? 25 HT1 A C5    1 
HETATM 493 C C6    . HT1 C 2 .  ? -5.743  0.614   -8.447  1.00 35.35 ? 25 HT1 A C6    1 
HETATM 494 C C7    . HT1 C 2 .  ? -4.229  2.249   -5.488  1.00 34.67 ? 25 HT1 A C7    1 
HETATM 495 N N1    . HT1 C 2 .  ? -3.781  2.026   -4.149  1.00 34.69 ? 25 HT1 A N1    1 
HETATM 496 C C8    . HT1 C 2 .  ? -3.812  3.305   -3.498  1.00 34.38 ? 25 HT1 A C8    1 
HETATM 497 C C9    . HT1 C 2 .  ? -4.283  4.354   -4.422  1.00 34.36 ? 25 HT1 A C9    1 
HETATM 498 N N2    . HT1 C 2 .  ? -4.522  3.628   -5.628  1.00 34.56 ? 25 HT1 A N2    1 
HETATM 499 C C10   . HT1 C 2 .  ? -4.405  5.671   -3.966  1.00 34.41 ? 25 HT1 A C10   1 
HETATM 500 C C11   . HT1 C 2 .  ? -4.068  5.969   -2.648  1.00 34.34 ? 25 HT1 A C11   1 
HETATM 501 C C12   . HT1 C 2 .  ? -3.665  4.937   -1.745  1.00 34.44 ? 25 HT1 A C12   1 
HETATM 502 C C13   . HT1 C 2 .  ? -3.481  3.577   -2.213  1.00 34.37 ? 25 HT1 A C13   1 
HETATM 503 C C14   . HT1 C 2 .  ? -3.249  5.176   -0.476  1.00 34.59 ? 25 HT1 A C14   1 
HETATM 504 N N3    . HT1 C 2 .  ? -2.281  4.392   0.281   1.00 34.71 ? 25 HT1 A N3    1 
HETATM 505 C C15   . HT1 C 2 .  ? -2.044  5.044   1.488   1.00 34.71 ? 25 HT1 A C15   1 
HETATM 506 C C16   . HT1 C 2 .  ? -2.875  6.267   1.479   1.00 34.81 ? 25 HT1 A C16   1 
HETATM 507 N N4    . HT1 C 2 .  ? -3.571  6.314   0.299   1.00 34.73 ? 25 HT1 A N4    1 
HETATM 508 C C17   . HT1 C 2 .  ? -2.899  7.115   2.520   1.00 34.81 ? 25 HT1 A C17   1 
HETATM 509 C C18   . HT1 C 2 .  ? -2.082  6.820   3.682   1.00 34.63 ? 25 HT1 A C18   1 
HETATM 510 C C19   . HT1 C 2 .  ? -1.273  5.660   3.679   1.00 34.64 ? 25 HT1 A C19   1 
HETATM 511 C C20   . HT1 C 2 .  ? -1.246  4.753   2.555   1.00 34.62 ? 25 HT1 A C20   1 
HETATM 512 N N5    . HT1 C 2 .  ? -0.476  5.368   4.719   1.00 34.57 ? 25 HT1 A N5    1 
HETATM 513 C C21   . HT1 C 2 .  ? -0.626  6.152   5.928   1.00 34.53 ? 25 HT1 A C21   1 
HETATM 514 C C22   . HT1 C 2 .  ? -0.195  5.279   7.034   1.00 34.76 ? 25 HT1 A C22   1 
HETATM 515 N N6    . HT1 C 2 .  ? 1.096   4.701   6.803   1.00 34.80 ? 25 HT1 A N6    1 
HETATM 516 C C23   . HT1 C 2 .  ? 1.757   4.848   5.541   1.00 34.70 ? 25 HT1 A C23   1 
HETATM 517 C C24   . HT1 C 2 .  ? 0.891   4.975   4.434   1.00 34.76 ? 25 HT1 A C24   1 
HETATM 518 C C25   . HT1 C 2 .  ? 1.887   5.230   7.791   1.00 34.80 ? 25 HT1 A C25   1 
HETATM 519 C C26   . HT1 C 2 .  ? -6.171  -3.127  -8.416  1.00 35.55 ? 25 HT1 A C26   1 
HETATM 520 C C27   . HT1 C 2 .  ? -6.770  -3.863  -9.623  1.00 35.41 ? 25 HT1 A C27   1 
HETATM 521 O O     . HOH D 3 .  ? -0.694  0.893   -7.392  1.00 16.59 ? 26 HOH A O     1 
HETATM 522 O O     . HOH D 3 .  ? -1.371  12.298  -13.612 1.00 32.68 ? 29 HOH A O     1 
HETATM 523 O O     . HOH D 3 .  ? 4.908   -12.110 -7.080  1.00 30.97 ? 35 HOH A O     1 
HETATM 524 O O     . HOH D 3 .  ? -5.101  5.980   -8.030  1.00 22.58 ? 36 HOH A O     1 
HETATM 525 O O     . HOH D 3 .  ? -11.398 -8.290  4.926   1.00 15.90 ? 38 HOH A O     1 
HETATM 526 O O     . HOH D 3 .  ? -5.433  8.575   -12.497 1.00 31.58 ? 41 HOH A O     1 
HETATM 527 O O     . HOH D 3 .  ? 2.324   10.509  -7.910  1.00 28.27 ? 42 HOH A O     1 
HETATM 528 O O     . HOH D 3 .  ? -3.084  5.835   -9.709  1.00 13.77 ? 44 HOH A O     1 
HETATM 529 O O     . HOH D 3 .  ? 0.447   -9.303  -10.355 1.00 25.45 ? 46 HOH A O     1 
HETATM 530 O O     . HOH D 3 .  ? 3.019   -3.445  -14.059 1.00 39.43 ? 48 HOH A O     1 
HETATM 531 O O     . HOH D 3 .  ? -5.989  -5.803  2.342   1.00 17.57 ? 49 HOH A O     1 
HETATM 532 O O     . HOH D 3 .  ? -3.440  -17.459 -1.650  1.00 27.02 ? 50 HOH A O     1 
HETATM 533 O O     . HOH D 3 .  ? 2.627   -1.355  -12.339 1.00 2.50  ? 51 HOH A O     1 
HETATM 534 O O     . HOH D 3 .  ? 5.024   -0.717  -12.622 1.00 23.78 ? 54 HOH A O     1 
HETATM 535 O O     . HOH D 3 .  ? 13.195  11.838  9.626   1.00 16.87 ? 55 HOH A O     1 
HETATM 536 O O     . HOH D 3 .  ? 3.476   -8.271  -1.559  1.00 23.44 ? 56 HOH A O     1 
HETATM 537 O O     . HOH D 3 .  ? 6.850   -2.358  -10.487 1.00 30.23 ? 58 HOH A O     1 
HETATM 538 O O     . HOH D 3 .  ? -3.594  9.408   -7.302  1.00 16.15 ? 59 HOH A O     1 
HETATM 539 O O     . HOH D 3 .  ? -2.333  13.052  -8.143  1.00 41.71 ? 60 HOH A O     1 
HETATM 540 O O     . HOH D 3 .  ? -1.424  12.276  -5.353  1.00 18.51 ? 61 HOH A O     1 
HETATM 541 O O     . HOH D 3 .  ? 7.126   1.951   -6.776  1.00 32.73 ? 66 HOH A O     1 
HETATM 542 O O     . HOH D 3 .  ? -3.540  13.433  -2.577  1.00 34.73 ? 68 HOH A O     1 
HETATM 543 O O     . HOH D 3 .  ? -1.162  15.284  -1.224  1.00 6.60  ? 74 HOH A O     1 
HETATM 544 O O     . HOH D 3 .  ? 2.647   13.850  -3.925  1.00 37.97 ? 77 HOH A O     1 
HETATM 545 O O     . HOH D 3 .  ? -2.092  13.924  3.599   1.00 16.87 ? 78 HOH A O     1 
HETATM 546 O O     . HOH D 3 .  ? -3.222  -10.546 3.545   1.00 44.08 ? 81 HOH A O     1 
HETATM 547 O O     . HOH D 3 .  ? 9.493   -1.492  -8.346  1.00 49.63 ? 89 HOH A O     1 
HETATM 548 O O     . HOH E 3 .  ? -7.582  -3.438  10.835  1.00 18.78 ? 27 HOH B O     1 
HETATM 549 O O     . HOH E 3 .  ? -13.227 -0.415  -10.148 1.00 28.83 ? 28 HOH B O     1 
HETATM 550 O O     . HOH E 3 .  ? 13.844  -2.658  -4.920  1.00 30.18 ? 30 HOH B O     1 
HETATM 551 O O     . HOH E 3 .  ? 17.643  -2.984  -10.115 1.00 18.95 ? 31 HOH B O     1 
HETATM 552 O O     . HOH E 3 .  ? 14.770  5.770   -3.027  1.00 3.84  ? 32 HOH B O     1 
HETATM 553 O O     . HOH E 3 .  ? -0.885  -3.527  9.070   1.00 36.30 ? 33 HOH B O     1 
HETATM 554 O O     . HOH E 3 .  ? 21.902  6.300   -3.272  1.00 25.96 ? 34 HOH B O     1 
HETATM 555 O O     . HOH E 3 .  ? -12.520 -3.514  11.338  1.00 13.70 ? 37 HOH B O     1 
HETATM 556 O O     . HOH E 3 .  ? -15.181 12.851  1.126   1.00 66.57 ? 39 HOH B O     1 
HETATM 557 O O     . HOH E 3 .  ? -11.911 4.970   -6.923  1.00 44.57 ? 40 HOH B O     1 
HETATM 558 O O     . HOH E 3 .  ? -8.494  12.072  1.807   1.00 40.71 ? 43 HOH B O     1 
HETATM 559 O O     . HOH E 3 .  ? -13.544 7.397   -1.888  1.00 38.81 ? 45 HOH B O     1 
HETATM 560 O O     . HOH E 3 .  ? -13.492 4.317   -2.544  1.00 28.68 ? 47 HOH B O     1 
HETATM 561 O O     . HOH E 3 .  ? -16.212 11.139  3.938   1.00 12.03 ? 52 HOH B O     1 
HETATM 562 O O     . HOH E 3 .  ? -15.543 1.924   -1.638  1.00 15.02 ? 53 HOH B O     1 
HETATM 563 O O     . HOH E 3 .  ? -8.276  11.214  -2.262  1.00 57.76 ? 57 HOH B O     1 
HETATM 564 O O     . HOH E 3 .  ? -5.327  5.063   9.062   1.00 31.22 ? 62 HOH B O     1 
HETATM 565 O O     . HOH E 3 .  ? -5.280  -1.127  13.276  1.00 26.10 ? 63 HOH B O     1 
HETATM 566 O O     . HOH E 3 .  ? 7.444   -3.804  -4.920  1.00 29.34 ? 64 HOH B O     1 
HETATM 567 O O     . HOH E 3 .  ? 10.568  -3.650  -5.845  1.00 25.08 ? 65 HOH B O     1 
HETATM 568 O O     . HOH E 3 .  ? 20.501  -0.162  -1.237  1.00 23.31 ? 67 HOH B O     1 
HETATM 569 O O     . HOH E 3 .  ? 0.187   -6.123  11.391  1.00 34.23 ? 69 HOH B O     1 
HETATM 570 O O     . HOH E 3 .  ? 14.586  -4.648  -10.585 1.00 15.28 ? 70 HOH B O     1 
HETATM 571 O O     . HOH E 3 .  ? 10.087  -3.345  -1.582  1.00 33.21 ? 71 HOH B O     1 
HETATM 572 O O     . HOH E 3 .  ? 8.873   3.909   -6.390  1.00 23.44 ? 72 HOH B O     1 
HETATM 573 O O     . HOH E 3 .  ? 17.083  0.325   -4.103  1.00 13.40 ? 73 HOH B O     1 
HETATM 574 O O     . HOH E 3 .  ? -3.876  8.044   11.231  1.00 5.00  ? 75 HOH B O     1 
HETATM 575 O O     . HOH E 3 .  ? 18.225  -0.636  -6.513  1.00 9.41  ? 76 HOH B O     1 
HETATM 576 O O     . HOH E 3 .  ? 14.284  0.865   -8.496  1.00 42.80 ? 79 HOH B O     1 
HETATM 577 O O     . HOH E 3 .  ? 12.302  4.602   -4.031  1.00 26.67 ? 80 HOH B O     1 
HETATM 578 O O     . HOH E 3 .  ? -7.247  -3.878  6.739   1.00 32.33 ? 82 HOH B O     1 
HETATM 579 O O     . HOH E 3 .  ? 1.069   -6.918  4.879   1.00 79.72 ? 83 HOH B O     1 
HETATM 580 O O     . HOH E 3 .  ? 15.854  -7.291  -13.254 1.00 28.22 ? 84 HOH B O     1 
HETATM 581 O O     . HOH E 3 .  ? 4.986   -4.410  1.915   1.00 52.53 ? 85 HOH B O     1 
HETATM 582 O O     . HOH E 3 .  ? 8.801   5.344   -3.682  1.00 33.91 ? 86 HOH B O     1 
HETATM 583 O O     . HOH E 3 .  ? 1.443   -4.252  16.198  1.00 60.34 ? 87 HOH B O     1 
HETATM 584 O O     . HOH E 3 .  ? -6.877  9.505   6.690   1.00 25.19 ? 88 HOH B O     1 
# 
